data_4PNU
#
_entry.id   4PNU
#
_cell.length_a   79.895
_cell.length_b   67.193
_cell.length_c   81.016
_cell.angle_alpha   90.000
_cell.angle_beta   114.540
_cell.angle_gamma   90.000
#
_symmetry.space_group_name_H-M   'P 1 21 1'
#
loop_
_entity.id
_entity.type
_entity.pdbx_description
1 polymer 'DNA polymerase III subunit beta'
2 non-polymer DI(HYDROXYETHYL)ETHER
3 non-polymer 'CALCIUM ION'
4 non-polymer '(2R)-6-bromo-9-(2-{[(1R)-1-carboxy-2-phenylethyl]amino}-2-oxoethyl)-2,3,4,9-tetrahydro-1H-carbazole-2-carboxylic acid'
5 non-polymer 'CHLORIDE ION'
6 water water
#
_entity_poly.entity_id   1
_entity_poly.type   'polypeptide(L)'
_entity_poly.pdbx_seq_one_letter_code
;MKFTVEREHLLKPLQQVSGPLGGRPTLPILGNLLLQVADGTLSLTGTDLEMEMVARVALVQPHEPGATTVPARKFFDICR
GLPEGAEIAVQLEGERMLVRSGRSRFSLSTLPAADFPNLDDWQSEVEFTLPQATMKRLIEATQFSMAHQDVRYYLNGMLF
ETEGEELRTVATDGHRLAVCSMPIGQSLPSHSVIVPRKGVIELMRMLDGGDNPLRVQIGSNNIRAHVGDFIFTSKLVDGR
FPDYRRVLPKNPDKHLEAGCDLLKQAFARAAILSNEKFRGVRLYVSENQLKITANNPEQEEAEEILDVTYSGAEMEIGFN
VSYVLDVLNALKCENVRMMLTDSVSSVQIEDAASQSAAYVVMPMRL
;
_entity_poly.pdbx_strand_id   A,B
#
loop_
_chem_comp.id
_chem_comp.type
_chem_comp.name
_chem_comp.formula
2VD non-polymer '(2R)-6-bromo-9-(2-{[(1R)-1-carboxy-2-phenylethyl]amino}-2-oxoethyl)-2,3,4,9-tetrahydro-1H-carbazole-2-carboxylic acid' 'C24 H23 Br N2 O5'
CA non-polymer 'CALCIUM ION' 'Ca 2'
CL non-polymer 'CHLORIDE ION' 'Cl -1'
PEG non-polymer DI(HYDROXYETHYL)ETHER 'C4 H10 O3'
#
# COMPACT_ATOMS: atom_id res chain seq x y z
N MET A 1 19.63 33.40 -11.81
CA MET A 1 19.40 32.63 -10.56
C MET A 1 20.34 31.44 -10.50
N LYS A 2 21.14 31.34 -9.43
CA LYS A 2 22.03 30.22 -9.20
C LYS A 2 22.09 29.90 -7.74
N PHE A 3 22.11 28.61 -7.42
CA PHE A 3 22.41 28.16 -6.07
C PHE A 3 23.01 26.76 -6.07
N THR A 4 23.76 26.45 -5.01
CA THR A 4 24.25 25.11 -4.74
C THR A 4 23.94 24.72 -3.31
N VAL A 5 23.21 23.62 -3.15
CA VAL A 5 22.75 23.22 -1.83
C VAL A 5 22.94 21.73 -1.69
N GLU A 6 23.16 21.26 -0.47
N GLU A 6 23.16 21.26 -0.47
CA GLU A 6 23.21 19.83 -0.23
CA GLU A 6 23.21 19.83 -0.20
C GLU A 6 21.81 19.25 -0.40
C GLU A 6 21.81 19.25 -0.38
N ARG A 7 21.75 18.06 -0.96
CA ARG A 7 20.49 17.33 -1.15
C ARG A 7 19.67 17.24 0.11
N GLU A 8 20.36 17.02 1.23
CA GLU A 8 19.70 16.84 2.51
C GLU A 8 18.95 18.10 2.99
N HIS A 9 19.31 19.28 2.48
CA HIS A 9 18.62 20.53 2.84
C HIS A 9 17.47 20.88 1.90
N LEU A 10 17.41 20.22 0.74
CA LEU A 10 16.33 20.41 -0.22
C LEU A 10 15.21 19.39 -0.08
N LEU A 11 15.53 18.19 0.36
CA LEU A 11 14.56 17.10 0.30
C LEU A 11 13.27 17.39 1.02
N LYS A 12 13.34 17.65 2.31
CA LYS A 12 12.12 17.88 3.09
C LYS A 12 11.34 19.12 2.62
N PRO A 13 12.02 20.26 2.39
CA PRO A 13 11.32 21.40 1.78
C PRO A 13 10.57 21.08 0.49
N LEU A 14 11.23 20.39 -0.44
CA LEU A 14 10.59 19.98 -1.70
C LEU A 14 9.39 19.10 -1.44
N GLN A 15 9.58 18.09 -0.59
CA GLN A 15 8.50 17.21 -0.17
C GLN A 15 7.31 17.99 0.35
N GLN A 16 7.56 18.96 1.21
CA GLN A 16 6.49 19.72 1.86
C GLN A 16 5.72 20.60 0.87
N VAL A 17 6.44 21.32 0.03
CA VAL A 17 5.79 22.25 -0.89
C VAL A 17 5.22 21.54 -2.12
N SER A 18 5.75 20.38 -2.46
CA SER A 18 5.34 19.72 -3.71
C SER A 18 4.29 18.62 -3.52
N GLY A 19 4.23 18.04 -2.32
CA GLY A 19 3.31 16.93 -2.02
C GLY A 19 1.94 16.98 -2.69
N PRO A 20 1.15 18.05 -2.40
CA PRO A 20 -0.21 18.19 -2.93
C PRO A 20 -0.36 18.80 -4.34
N LEU A 21 0.75 19.09 -5.02
CA LEU A 21 0.67 19.71 -6.36
C LEU A 21 0.53 18.64 -7.42
N LEU A 27 -4.23 26.24 -15.84
CA LEU A 27 -3.03 26.61 -15.10
C LEU A 27 -2.13 25.39 -14.82
N PRO A 28 -1.37 24.96 -15.84
CA PRO A 28 -0.19 24.13 -15.63
C PRO A 28 0.79 24.71 -14.60
N ILE A 29 0.81 26.03 -14.45
CA ILE A 29 1.75 26.65 -13.52
C ILE A 29 1.48 26.22 -12.07
N LEU A 30 0.28 25.72 -11.78
CA LEU A 30 -0.01 25.16 -10.44
C LEU A 30 0.73 23.85 -10.20
N GLY A 31 1.15 23.19 -11.29
CA GLY A 31 2.01 22.00 -11.19
C GLY A 31 3.49 22.32 -11.00
N ASN A 32 3.84 23.60 -10.95
CA ASN A 32 5.22 24.04 -10.75
C ASN A 32 5.44 24.61 -9.36
N LEU A 33 6.70 24.58 -8.92
CA LEU A 33 7.15 25.30 -7.74
C LEU A 33 7.82 26.60 -8.16
N LEU A 34 7.50 27.66 -7.43
CA LEU A 34 8.18 28.93 -7.57
C LEU A 34 9.47 28.86 -6.77
N LEU A 35 10.58 29.20 -7.42
CA LEU A 35 11.88 29.25 -6.77
C LEU A 35 12.39 30.68 -6.84
N GLN A 36 12.78 31.21 -5.68
CA GLN A 36 13.33 32.56 -5.57
C GLN A 36 14.60 32.55 -4.76
N VAL A 37 15.68 33.07 -5.34
CA VAL A 37 16.89 33.33 -4.61
C VAL A 37 16.89 34.84 -4.32
N ALA A 38 16.90 35.18 -3.04
CA ALA A 38 16.94 36.57 -2.62
C ALA A 38 17.53 36.66 -1.22
N ASP A 39 18.35 37.68 -0.98
CA ASP A 39 19.01 37.90 0.32
C ASP A 39 19.54 36.65 1.02
N GLY A 40 20.34 35.86 0.31
CA GLY A 40 20.90 34.66 0.94
C GLY A 40 19.92 33.56 1.30
N THR A 41 18.73 33.59 0.71
CA THR A 41 17.68 32.60 0.98
C THR A 41 17.09 32.08 -0.33
N LEU A 42 16.96 30.75 -0.40
CA LEU A 42 16.16 30.11 -1.42
C LEU A 42 14.77 29.89 -0.86
N SER A 43 13.76 30.45 -1.52
CA SER A 43 12.38 30.19 -1.16
C SER A 43 11.74 29.28 -2.18
N LEU A 44 11.01 28.29 -1.70
CA LEU A 44 10.26 27.36 -2.54
C LEU A 44 8.79 27.47 -2.20
N THR A 45 7.95 27.74 -3.21
CA THR A 45 6.52 27.89 -2.97
C THR A 45 5.68 26.97 -3.85
N GLY A 46 4.65 26.34 -3.25
CA GLY A 46 3.64 25.59 -3.98
C GLY A 46 2.25 26.08 -3.56
N THR A 47 1.33 26.09 -4.50
CA THR A 47 -0.05 26.52 -4.25
C THR A 47 -1.06 25.79 -5.14
N ASP A 48 -2.31 25.73 -4.68
CA ASP A 48 -3.45 25.32 -5.52
C ASP A 48 -4.50 26.44 -5.59
N LEU A 49 -4.10 27.66 -5.28
CA LEU A 49 -4.98 28.84 -5.20
C LEU A 49 -5.83 28.94 -3.92
N GLU A 50 -6.05 27.81 -3.23
CA GLU A 50 -6.79 27.82 -1.97
C GLU A 50 -5.85 27.89 -0.77
N MET A 51 -4.70 27.24 -0.91
CA MET A 51 -3.70 27.22 0.11
C MET A 51 -2.32 27.27 -0.51
N GLU A 52 -1.33 27.58 0.32
CA GLU A 52 0.04 27.83 -0.11
C GLU A 52 1.01 27.33 0.95
N MET A 53 2.05 26.59 0.53
CA MET A 53 3.19 26.25 1.41
C MET A 53 4.45 26.94 0.88
N VAL A 54 5.16 27.63 1.77
CA VAL A 54 6.44 28.26 1.42
C VAL A 54 7.54 27.70 2.32
N ALA A 55 8.65 27.29 1.74
CA ALA A 55 9.79 26.84 2.51
C ALA A 55 10.93 27.79 2.25
N ARG A 56 11.70 28.08 3.31
CA ARG A 56 12.93 28.87 3.22
C ARG A 56 14.15 28.01 3.55
N VAL A 57 15.21 28.21 2.77
CA VAL A 57 16.42 27.41 2.88
C VAL A 57 17.60 28.38 2.80
N ALA A 58 18.37 28.46 3.88
CA ALA A 58 19.55 29.33 3.90
C ALA A 58 20.58 28.86 2.88
N LEU A 59 21.17 29.82 2.15
CA LEU A 59 22.20 29.53 1.16
C LEU A 59 23.57 29.96 1.68
N VAL A 60 24.38 28.97 2.04
CA VAL A 60 25.71 29.20 2.61
C VAL A 60 26.81 29.23 1.53
N GLN A 61 26.50 28.68 0.36
CA GLN A 61 27.42 28.69 -0.76
C GLN A 61 27.09 29.87 -1.69
N PRO A 62 28.04 30.24 -2.59
CA PRO A 62 27.76 31.31 -3.54
C PRO A 62 26.43 31.10 -4.27
N HIS A 63 25.73 32.19 -4.53
CA HIS A 63 24.44 32.13 -5.18
C HIS A 63 24.23 33.44 -5.86
N GLU A 64 23.27 33.45 -6.78
CA GLU A 64 22.91 34.64 -7.52
C GLU A 64 21.38 34.79 -7.52
N PRO A 65 20.89 36.02 -7.34
CA PRO A 65 19.45 36.21 -7.22
C PRO A 65 18.65 35.95 -8.50
N GLY A 66 17.37 35.65 -8.31
CA GLY A 66 16.44 35.53 -9.41
C GLY A 66 15.35 34.54 -9.08
N ALA A 67 14.39 34.43 -9.99
CA ALA A 67 13.25 33.58 -9.76
C ALA A 67 12.74 32.89 -11.03
N THR A 68 12.18 31.70 -10.85
CA THR A 68 11.61 30.94 -11.94
C THR A 68 10.63 29.94 -11.34
N THR A 69 9.95 29.20 -12.20
CA THR A 69 9.08 28.10 -11.73
C THR A 69 9.40 26.84 -12.53
N VAL A 70 9.35 25.69 -11.86
CA VAL A 70 9.74 24.44 -12.45
C VAL A 70 8.77 23.36 -12.05
N PRO A 71 8.60 22.33 -12.90
CA PRO A 71 7.71 21.20 -12.58
C PRO A 71 8.07 20.57 -11.24
N ALA A 72 7.10 20.55 -10.32
CA ALA A 72 7.36 20.20 -8.93
C ALA A 72 7.76 18.73 -8.81
N ARG A 73 6.94 17.84 -9.35
CA ARG A 73 7.16 16.40 -9.22
C ARG A 73 8.51 15.98 -9.82
N LYS A 74 8.77 16.44 -11.04
CA LYS A 74 10.04 16.12 -11.70
C LYS A 74 11.25 16.64 -10.94
N PHE A 75 11.20 17.89 -10.46
CA PHE A 75 12.32 18.43 -9.71
C PHE A 75 12.54 17.63 -8.42
N PHE A 76 11.45 17.36 -7.70
CA PHE A 76 11.51 16.52 -6.50
C PHE A 76 12.06 15.11 -6.78
N ASP A 77 11.54 14.46 -7.81
CA ASP A 77 11.99 13.11 -8.14
C ASP A 77 13.48 13.09 -8.50
N ILE A 78 13.95 14.13 -9.19
CA ILE A 78 15.37 14.22 -9.54
C ILE A 78 16.23 14.32 -8.27
N CYS A 79 15.85 15.22 -7.38
CA CYS A 79 16.60 15.45 -6.14
C CYS A 79 16.60 14.20 -5.23
N ARG A 80 15.42 13.59 -5.06
CA ARG A 80 15.24 12.35 -4.29
C ARG A 80 16.05 11.20 -4.89
N GLY A 81 16.13 11.17 -6.21
CA GLY A 81 16.82 10.10 -6.92
C GLY A 81 18.33 10.15 -6.84
N LEU A 82 18.88 11.33 -6.49
CA LEU A 82 20.31 11.49 -6.34
C LEU A 82 20.77 10.83 -5.03
N PRO A 83 22.07 10.47 -4.95
CA PRO A 83 22.55 9.71 -3.81
C PRO A 83 22.66 10.55 -2.54
N GLU A 84 22.66 9.87 -1.40
CA GLU A 84 22.85 10.53 -0.11
C GLU A 84 24.15 11.31 -0.11
N GLY A 85 24.11 12.54 0.41
CA GLY A 85 25.29 13.41 0.43
C GLY A 85 25.57 14.19 -0.85
N ALA A 86 24.71 14.03 -1.86
CA ALA A 86 24.88 14.77 -3.10
C ALA A 86 24.70 16.26 -2.88
N GLU A 87 25.47 17.03 -3.63
CA GLU A 87 25.36 18.46 -3.67
C GLU A 87 24.70 18.81 -5.01
N ILE A 88 23.73 19.72 -4.98
CA ILE A 88 22.89 19.98 -6.13
C ILE A 88 23.05 21.43 -6.59
N ALA A 89 23.70 21.62 -7.73
CA ALA A 89 23.89 22.94 -8.31
C ALA A 89 22.80 23.23 -9.31
N VAL A 90 22.19 24.40 -9.19
CA VAL A 90 21.06 24.79 -10.02
C VAL A 90 21.37 26.14 -10.62
N GLN A 91 21.03 26.30 -11.90
CA GLN A 91 21.12 27.61 -12.54
C GLN A 91 20.14 27.73 -13.71
N LEU A 92 19.60 28.93 -13.84
CA LEU A 92 18.64 29.24 -14.89
C LEU A 92 19.47 29.57 -16.12
N GLU A 93 19.03 29.05 -17.28
CA GLU A 93 19.73 29.26 -18.55
C GLU A 93 18.70 29.28 -19.66
N GLY A 94 18.32 30.49 -20.08
CA GLY A 94 17.29 30.69 -21.08
C GLY A 94 15.92 30.30 -20.54
N GLU A 95 15.18 29.50 -21.31
CA GLU A 95 13.86 29.01 -20.89
C GLU A 95 13.96 27.81 -19.92
N ARG A 96 15.18 27.34 -19.64
CA ARG A 96 15.36 26.11 -18.87
C ARG A 96 16.12 26.28 -17.56
N MET A 97 15.85 25.36 -16.62
CA MET A 97 16.58 25.29 -15.37
C MET A 97 17.48 24.06 -15.39
N LEU A 98 18.78 24.31 -15.24
CA LEU A 98 19.79 23.26 -15.25
C LEU A 98 20.04 22.84 -13.82
N VAL A 99 20.13 21.52 -13.63
CA VAL A 99 20.31 20.90 -12.33
C VAL A 99 21.50 19.96 -12.51
N ARG A 100 22.53 20.13 -11.69
CA ARG A 100 23.73 19.33 -11.82
C ARG A 100 24.17 18.81 -10.48
N SER A 101 24.57 17.54 -10.45
CA SER A 101 25.09 16.91 -9.25
C SER A 101 25.98 15.76 -9.68
N GLY A 102 27.22 15.74 -9.22
CA GLY A 102 28.20 14.76 -9.69
C GLY A 102 28.29 14.83 -11.19
N ARG A 103 28.08 13.71 -11.87
CA ARG A 103 27.97 13.70 -13.33
C ARG A 103 26.55 13.34 -13.77
N SER A 104 25.57 13.80 -13.00
CA SER A 104 24.16 13.74 -13.36
C SER A 104 23.75 15.14 -13.73
N ARG A 105 23.13 15.31 -14.89
CA ARG A 105 22.70 16.62 -15.39
C ARG A 105 21.28 16.58 -15.93
N PHE A 106 20.51 17.62 -15.62
CA PHE A 106 19.12 17.66 -16.02
C PHE A 106 18.75 19.06 -16.47
N SER A 107 17.87 19.12 -17.46
CA SER A 107 17.36 20.38 -17.98
C SER A 107 15.84 20.37 -17.96
N LEU A 108 15.26 21.21 -17.09
CA LEU A 108 13.83 21.27 -16.90
C LEU A 108 13.23 22.51 -17.57
N SER A 109 12.01 22.38 -18.03
CA SER A 109 11.25 23.49 -18.58
C SER A 109 10.86 24.42 -17.43
N THR A 110 10.64 25.69 -17.75
CA THR A 110 10.21 26.65 -16.75
C THR A 110 8.99 27.41 -17.23
N LEU A 111 8.26 27.98 -16.28
CA LEU A 111 7.25 29.02 -16.55
C LEU A 111 7.62 30.27 -15.74
N PRO A 112 7.31 31.47 -16.30
CA PRO A 112 7.83 32.67 -15.66
C PRO A 112 7.35 32.84 -14.22
N ALA A 113 8.25 33.26 -13.34
CA ALA A 113 7.87 33.57 -11.97
C ALA A 113 6.74 34.61 -11.86
N ALA A 114 6.72 35.56 -12.80
CA ALA A 114 5.68 36.60 -12.81
C ALA A 114 4.28 36.03 -13.02
N ASP A 115 4.19 34.80 -13.55
CA ASP A 115 2.91 34.16 -13.79
C ASP A 115 2.42 33.39 -12.57
N PHE A 116 3.28 33.21 -11.55
CA PHE A 116 2.92 32.35 -10.42
C PHE A 116 1.88 33.06 -9.56
N PRO A 117 0.74 32.40 -9.28
CA PRO A 117 -0.30 33.17 -8.59
C PRO A 117 0.01 33.41 -7.10
N ASN A 118 -0.43 34.56 -6.59
CA ASN A 118 -0.38 34.89 -5.16
C ASN A 118 -1.75 34.79 -4.52
N LEU A 119 -1.80 34.48 -3.23
CA LEU A 119 -3.02 34.66 -2.47
C LEU A 119 -3.21 36.15 -2.21
N ASP A 120 -4.46 36.57 -1.97
CA ASP A 120 -4.76 37.94 -1.58
C ASP A 120 -4.05 38.27 -0.28
N ASP A 121 -3.64 39.53 -0.12
CA ASP A 121 -3.06 39.97 1.15
C ASP A 121 -4.18 40.13 2.17
N TRP A 122 -3.84 39.97 3.45
CA TRP A 122 -4.85 39.97 4.51
C TRP A 122 -4.19 40.35 5.83
N GLN A 123 -4.99 40.64 6.85
CA GLN A 123 -4.46 41.04 8.16
C GLN A 123 -4.72 39.97 9.21
N SER A 124 -3.73 39.75 10.07
CA SER A 124 -3.87 38.85 11.21
C SER A 124 -4.70 39.51 12.33
N GLU A 125 -5.74 38.82 12.78
CA GLU A 125 -6.60 39.31 13.88
C GLU A 125 -6.40 38.54 15.18
N VAL A 126 -6.00 37.27 15.09
CA VAL A 126 -5.83 36.41 16.26
C VAL A 126 -4.53 35.66 16.11
N GLU A 127 -3.72 35.61 17.16
CA GLU A 127 -2.43 34.94 17.09
C GLU A 127 -2.15 34.22 18.38
N PHE A 128 -1.43 33.12 18.27
CA PHE A 128 -0.94 32.38 19.40
C PHE A 128 0.10 31.39 18.94
N THR A 129 0.85 30.87 19.89
CA THR A 129 1.83 29.84 19.59
C THR A 129 1.54 28.64 20.47
N LEU A 130 1.97 27.47 20.01
CA LEU A 130 1.76 26.24 20.75
C LEU A 130 2.76 25.18 20.33
N PRO A 131 2.97 24.16 21.18
CA PRO A 131 3.87 23.11 20.74
C PRO A 131 3.31 22.33 19.54
N GLN A 132 4.20 21.93 18.63
CA GLN A 132 3.84 21.02 17.54
C GLN A 132 3.05 19.81 18.03
N ALA A 133 3.50 19.19 19.11
CA ALA A 133 2.86 17.98 19.61
C ALA A 133 1.40 18.22 20.00
N THR A 134 1.09 19.45 20.40
CA THR A 134 -0.28 19.80 20.75
C THR A 134 -1.15 19.90 19.50
N MET A 135 -0.67 20.59 18.46
CA MET A 135 -1.42 20.66 17.20
C MET A 135 -1.64 19.28 16.60
N LYS A 136 -0.59 18.45 16.63
CA LYS A 136 -0.71 17.06 16.18
C LYS A 136 -1.82 16.30 16.93
N ARG A 137 -1.77 16.38 18.25
CA ARG A 137 -2.80 15.78 19.13
C ARG A 137 -4.21 16.24 18.73
N LEU A 138 -4.39 17.54 18.61
CA LEU A 138 -5.68 18.16 18.29
C LEU A 138 -6.23 17.68 16.96
N ILE A 139 -5.36 17.60 15.95
CA ILE A 139 -5.76 17.20 14.62
C ILE A 139 -6.01 15.69 14.54
N GLU A 140 -5.07 14.88 15.04
CA GLU A 140 -5.20 13.42 14.99
CA GLU A 140 -5.21 13.43 14.95
C GLU A 140 -6.41 12.93 15.76
N ALA A 141 -6.74 13.63 16.86
CA ALA A 141 -7.88 13.21 17.68
C ALA A 141 -9.22 13.32 16.95
N THR A 142 -9.32 14.22 15.97
CA THR A 142 -10.62 14.58 15.40
C THR A 142 -10.75 14.40 13.89
N GLN A 143 -9.62 14.39 13.20
CA GLN A 143 -9.59 14.47 11.75
C GLN A 143 -10.49 13.46 11.02
N PHE A 144 -10.51 12.23 11.52
CA PHE A 144 -11.30 11.17 10.91
C PHE A 144 -12.80 11.46 10.87
N SER A 145 -13.28 12.41 11.68
CA SER A 145 -14.72 12.67 11.77
C SER A 145 -15.19 13.80 10.86
N MET A 146 -14.28 14.43 10.11
CA MET A 146 -14.65 15.44 9.09
C MET A 146 -15.44 14.78 7.99
N ALA A 147 -16.36 15.53 7.40
CA ALA A 147 -17.04 15.07 6.20
C ALA A 147 -16.05 15.16 5.04
N HIS A 148 -16.34 14.44 3.97
CA HIS A 148 -15.44 14.36 2.82
C HIS A 148 -15.94 15.24 1.67
N GLN A 149 -17.15 14.99 1.18
CA GLN A 149 -17.76 15.84 0.15
C GLN A 149 -19.25 16.07 0.40
N ASP A 150 -19.57 16.40 1.64
CA ASP A 150 -20.94 16.72 2.02
C ASP A 150 -21.36 18.02 1.35
N VAL A 151 -22.63 18.10 0.93
CA VAL A 151 -23.16 19.36 0.37
C VAL A 151 -23.23 20.46 1.44
N ARG A 152 -23.12 20.09 2.70
CA ARG A 152 -22.87 21.07 3.75
C ARG A 152 -21.37 21.31 3.80
N TYR A 153 -20.92 22.30 3.04
CA TYR A 153 -19.48 22.52 2.80
C TYR A 153 -18.74 22.84 4.09
N TYR A 154 -19.43 23.41 5.05
CA TYR A 154 -18.85 23.76 6.35
C TYR A 154 -18.40 22.54 7.18
N LEU A 155 -18.92 21.36 6.82
CA LEU A 155 -18.53 20.09 7.47
C LEU A 155 -17.35 19.41 6.82
N ASN A 156 -16.94 19.89 5.63
CA ASN A 156 -15.78 19.35 4.88
C ASN A 156 -14.48 20.02 5.31
N GLY A 157 -14.13 19.84 6.56
CA GLY A 157 -13.15 20.70 7.21
C GLY A 157 -13.26 20.56 8.70
N MET A 158 -12.48 21.34 9.42
CA MET A 158 -12.38 21.22 10.86
C MET A 158 -12.50 22.58 11.52
N LEU A 159 -13.28 22.63 12.60
CA LEU A 159 -13.39 23.82 13.41
C LEU A 159 -12.16 23.96 14.27
N PHE A 160 -11.56 25.16 14.23
CA PHE A 160 -10.52 25.54 15.17
C PHE A 160 -11.08 26.68 16.01
N GLU A 161 -11.26 26.40 17.30
CA GLU A 161 -11.91 27.33 18.20
C GLU A 161 -10.98 27.70 19.35
N THR A 162 -10.87 29.00 19.62
CA THR A 162 -10.16 29.49 20.80
C THR A 162 -11.18 29.92 21.85
N GLU A 163 -10.93 29.54 23.08
CA GLU A 163 -11.77 29.91 24.21
C GLU A 163 -10.96 29.87 25.49
N GLY A 164 -10.91 30.99 26.20
CA GLY A 164 -10.08 31.12 27.39
C GLY A 164 -8.61 30.99 27.03
N GLU A 165 -7.99 29.91 27.48
CA GLU A 165 -6.64 29.56 27.05
C GLU A 165 -6.60 28.21 26.31
N GLU A 166 -7.76 27.71 25.88
CA GLU A 166 -7.84 26.43 25.16
C GLU A 166 -7.94 26.63 23.66
N LEU A 167 -7.22 25.78 22.92
CA LEU A 167 -7.46 25.61 21.50
C LEU A 167 -8.22 24.30 21.36
N ARG A 168 -9.28 24.34 20.56
CA ARG A 168 -10.21 23.22 20.45
C ARG A 168 -10.41 22.91 18.97
N THR A 169 -10.42 21.63 18.62
CA THR A 169 -10.83 21.23 17.27
C THR A 169 -12.12 20.45 17.33
N VAL A 170 -12.97 20.64 16.33
CA VAL A 170 -14.21 19.91 16.21
C VAL A 170 -14.34 19.45 14.78
N ALA A 171 -14.71 18.19 14.62
CA ALA A 171 -14.98 17.63 13.33
C ALA A 171 -16.24 16.80 13.40
N THR A 172 -17.10 16.97 12.41
CA THR A 172 -18.31 16.16 12.33
C THR A 172 -18.78 16.01 10.89
N ASP A 173 -19.46 14.90 10.62
CA ASP A 173 -20.01 14.65 9.30
C ASP A 173 -21.52 14.49 9.34
N GLY A 174 -22.14 14.86 10.47
CA GLY A 174 -23.58 14.72 10.65
C GLY A 174 -24.02 13.42 11.34
N HIS A 175 -23.15 12.41 11.32
CA HIS A 175 -23.48 11.10 11.90
C HIS A 175 -22.64 10.81 13.14
N ARG A 176 -21.43 11.36 13.17
CA ARG A 176 -20.54 11.25 14.30
C ARG A 176 -19.70 12.51 14.46
N LEU A 177 -19.22 12.74 15.67
CA LEU A 177 -18.46 13.94 15.99
C LEU A 177 -17.26 13.61 16.85
N ALA A 178 -16.20 14.37 16.65
CA ALA A 178 -15.04 14.36 17.50
C ALA A 178 -14.73 15.80 17.93
N VAL A 179 -14.38 15.97 19.19
CA VAL A 179 -13.92 17.26 19.71
C VAL A 179 -12.70 17.00 20.59
N CYS A 180 -11.72 17.90 20.53
CA CYS A 180 -10.57 17.81 21.40
C CYS A 180 -10.14 19.24 21.78
N SER A 181 -9.84 19.44 23.07
CA SER A 181 -9.41 20.73 23.59
C SER A 181 -8.10 20.56 24.33
N MET A 182 -7.17 21.49 24.13
CA MET A 182 -5.88 21.47 24.79
C MET A 182 -5.54 22.87 25.29
N PRO A 183 -5.05 22.98 26.54
CA PRO A 183 -4.62 24.27 27.06
C PRO A 183 -3.33 24.73 26.37
N ILE A 184 -3.22 26.01 26.05
CA ILE A 184 -1.98 26.50 25.44
C ILE A 184 -1.30 27.68 26.16
N GLY A 185 -1.74 27.99 27.37
CA GLY A 185 -1.02 28.92 28.25
C GLY A 185 -0.94 30.36 27.78
N GLN A 186 -1.96 30.81 27.04
CA GLN A 186 -2.04 32.19 26.57
C GLN A 186 -3.50 32.60 26.58
N SER A 187 -3.76 33.85 26.95
CA SER A 187 -5.11 34.40 26.88
C SER A 187 -5.52 34.55 25.42
N LEU A 188 -6.56 33.83 25.05
CA LEU A 188 -7.07 33.88 23.69
C LEU A 188 -8.42 34.58 23.63
N PRO A 189 -8.73 35.25 22.51
CA PRO A 189 -10.09 35.72 22.33
C PRO A 189 -10.99 34.53 22.02
N SER A 190 -12.30 34.72 22.18
CA SER A 190 -13.27 33.68 21.84
C SER A 190 -13.50 33.80 20.36
N HIS A 191 -13.13 32.76 19.62
CA HIS A 191 -13.15 32.83 18.18
C HIS A 191 -13.17 31.43 17.55
N SER A 192 -13.81 31.31 16.39
CA SER A 192 -13.89 30.05 15.66
C SER A 192 -13.72 30.26 14.18
N VAL A 193 -13.01 29.35 13.52
CA VAL A 193 -12.92 29.32 12.06
C VAL A 193 -12.97 27.88 11.57
N ILE A 194 -13.32 27.71 10.30
CA ILE A 194 -13.31 26.40 9.68
C ILE A 194 -12.17 26.32 8.69
N VAL A 195 -11.29 25.34 8.88
CA VAL A 195 -10.19 25.09 7.96
C VAL A 195 -10.58 23.96 7.01
N PRO A 196 -10.42 24.16 5.71
CA PRO A 196 -10.83 23.11 4.77
C PRO A 196 -10.05 21.81 4.95
N ARG A 197 -10.68 20.69 4.68
CA ARG A 197 -10.06 19.41 5.01
C ARG A 197 -8.66 19.25 4.38
N LYS A 198 -8.49 19.74 3.16
CA LYS A 198 -7.17 19.66 2.51
C LYS A 198 -6.12 20.47 3.26
N GLY A 199 -6.52 21.60 3.84
CA GLY A 199 -5.62 22.42 4.64
C GLY A 199 -5.26 21.76 5.95
N VAL A 200 -6.22 21.04 6.53
CA VAL A 200 -6.00 20.29 7.76
C VAL A 200 -4.93 19.24 7.53
N ILE A 201 -5.04 18.53 6.40
CA ILE A 201 -4.08 17.46 6.05
C ILE A 201 -2.67 18.02 5.87
N GLU A 202 -2.58 19.12 5.13
N GLU A 202 -2.57 19.13 5.14
CA GLU A 202 -1.30 19.77 4.88
CA GLU A 202 -1.27 19.74 4.88
C GLU A 202 -0.67 20.27 6.18
C GLU A 202 -0.66 20.29 6.17
N LEU A 203 -1.48 20.90 7.02
CA LEU A 203 -1.03 21.38 8.33
C LEU A 203 -0.49 20.23 9.17
N MET A 204 -1.21 19.11 9.19
CA MET A 204 -0.76 17.91 9.90
C MET A 204 0.58 17.41 9.36
N ARG A 205 0.72 17.43 8.03
CA ARG A 205 1.92 16.93 7.37
C ARG A 205 3.15 17.80 7.64
N MET A 206 2.93 19.07 8.00
CA MET A 206 4.06 19.95 8.27
C MET A 206 4.63 19.80 9.68
N LEU A 207 4.00 18.99 10.52
CA LEU A 207 4.46 18.80 11.90
C LEU A 207 5.53 17.71 11.93
N ASP A 208 6.80 18.14 11.97
CA ASP A 208 7.94 17.24 11.75
C ASP A 208 8.25 16.31 12.93
N GLY A 209 7.79 16.68 14.12
CA GLY A 209 8.03 15.89 15.33
C GLY A 209 9.11 16.46 16.22
N GLY A 210 9.81 17.48 15.71
CA GLY A 210 10.85 18.16 16.48
C GLY A 210 10.27 19.10 17.52
N ASP A 211 11.15 19.88 18.14
CA ASP A 211 10.78 20.79 19.23
C ASP A 211 10.50 22.22 18.74
N ASN A 212 10.51 22.43 17.42
CA ASN A 212 10.14 23.73 16.86
C ASN A 212 8.69 24.05 17.20
N PRO A 213 8.44 25.22 17.83
CA PRO A 213 7.07 25.61 18.15
C PRO A 213 6.32 26.10 16.93
N LEU A 214 4.99 26.10 17.02
CA LEU A 214 4.13 26.52 15.93
C LEU A 214 3.57 27.91 16.23
N ARG A 215 3.59 28.79 15.24
CA ARG A 215 2.93 30.09 15.41
C ARG A 215 1.74 30.16 14.47
N VAL A 216 0.58 30.46 15.04
CA VAL A 216 -0.66 30.53 14.29
C VAL A 216 -1.17 31.96 14.19
N GLN A 217 -1.60 32.33 12.99
CA GLN A 217 -2.21 33.62 12.74
C GLN A 217 -3.52 33.41 12.02
N ILE A 218 -4.59 33.96 12.57
CA ILE A 218 -5.91 33.82 11.97
C ILE A 218 -6.43 35.20 11.59
N GLY A 219 -6.83 35.32 10.32
CA GLY A 219 -7.54 36.49 9.83
C GLY A 219 -8.99 36.15 9.58
N SER A 220 -9.73 37.08 8.97
CA SER A 220 -11.16 36.87 8.73
C SER A 220 -11.44 35.80 7.67
N ASN A 221 -10.53 35.62 6.72
CA ASN A 221 -10.71 34.66 5.64
C ASN A 221 -9.54 33.72 5.43
N ASN A 222 -8.56 33.74 6.35
CA ASN A 222 -7.35 32.96 6.22
C ASN A 222 -6.80 32.47 7.55
N ILE A 223 -6.01 31.41 7.47
CA ILE A 223 -5.21 30.94 8.59
C ILE A 223 -3.79 30.72 8.10
N ARG A 224 -2.82 31.00 8.96
CA ARG A 224 -1.42 30.77 8.64
C ARG A 224 -0.74 30.04 9.78
N ALA A 225 0.13 29.11 9.45
CA ALA A 225 0.94 28.40 10.44
C ALA A 225 2.42 28.49 10.10
N HIS A 226 3.22 29.02 11.02
CA HIS A 226 4.69 29.08 10.87
C HIS A 226 5.30 28.04 11.76
N VAL A 227 6.04 27.11 11.16
CA VAL A 227 6.79 26.12 11.93
C VAL A 227 8.16 25.96 11.27
N GLY A 228 9.21 26.18 12.07
CA GLY A 228 10.58 26.20 11.58
C GLY A 228 10.69 27.17 10.43
N ASP A 229 11.18 26.66 9.30
CA ASP A 229 11.35 27.47 8.12
C ASP A 229 10.25 27.21 7.06
N PHE A 230 9.06 26.86 7.53
CA PHE A 230 7.90 26.66 6.64
C PHE A 230 6.80 27.63 7.00
N ILE A 231 6.11 28.16 6.00
CA ILE A 231 4.90 28.95 6.22
C ILE A 231 3.75 28.38 5.39
N PHE A 232 2.70 27.94 6.08
CA PHE A 232 1.51 27.40 5.44
C PHE A 232 0.38 28.42 5.55
N THR A 233 -0.32 28.67 4.45
CA THR A 233 -1.45 29.58 4.44
C THR A 233 -2.62 28.95 3.71
N SER A 234 -3.81 29.02 4.32
CA SER A 234 -5.03 28.49 3.71
C SER A 234 -6.18 29.50 3.82
N LYS A 235 -7.07 29.50 2.84
CA LYS A 235 -8.35 30.15 3.00
C LYS A 235 -9.18 29.37 4.03
N LEU A 236 -10.23 30.00 4.53
CA LEU A 236 -11.16 29.37 5.44
C LEU A 236 -12.45 29.03 4.71
N VAL A 237 -13.31 28.27 5.38
CA VAL A 237 -14.60 27.85 4.83
C VAL A 237 -15.73 28.69 5.47
N ASP A 238 -16.70 29.10 4.66
CA ASP A 238 -17.88 29.86 5.12
C ASP A 238 -18.88 28.93 5.79
N GLY A 239 -19.82 29.49 6.55
CA GLY A 239 -20.95 28.73 7.06
C GLY A 239 -20.99 28.61 8.57
N ARG A 240 -22.14 28.20 9.10
CA ARG A 240 -22.32 28.11 10.54
C ARG A 240 -22.04 26.69 11.00
N PHE A 241 -20.87 26.47 11.58
CA PHE A 241 -20.51 25.16 12.10
C PHE A 241 -21.44 24.79 13.27
N PRO A 242 -21.77 23.50 13.42
CA PRO A 242 -22.59 23.12 14.59
C PRO A 242 -21.88 23.33 15.91
N ASP A 243 -22.66 23.38 16.99
CA ASP A 243 -22.13 23.62 18.31
C ASP A 243 -21.94 22.27 18.99
N TYR A 244 -20.68 21.87 19.21
CA TYR A 244 -20.40 20.55 19.77
C TYR A 244 -21.12 20.28 21.10
N ARG A 245 -21.37 21.34 21.88
CA ARG A 245 -22.10 21.22 23.15
C ARG A 245 -23.54 20.74 23.00
N ARG A 246 -24.12 20.96 21.82
CA ARG A 246 -25.47 20.49 21.52
C ARG A 246 -25.44 19.05 21.09
N VAL A 247 -24.30 18.62 20.57
CA VAL A 247 -24.13 17.26 20.09
C VAL A 247 -23.78 16.34 21.25
N LEU A 248 -22.93 16.84 22.17
CA LEU A 248 -22.63 16.12 23.40
C LEU A 248 -23.92 15.86 24.16
N PRO A 249 -24.14 14.61 24.58
CA PRO A 249 -25.31 14.32 25.41
C PRO A 249 -25.39 15.22 26.63
N LYS A 250 -26.61 15.65 26.97
CA LYS A 250 -26.82 16.55 28.10
C LYS A 250 -26.34 15.93 29.40
N ASN A 251 -26.63 14.64 29.60
CA ASN A 251 -26.31 13.97 30.85
C ASN A 251 -26.21 12.45 30.63
N PRO A 252 -25.08 11.98 30.08
CA PRO A 252 -24.94 10.55 29.78
C PRO A 252 -24.49 9.77 31.00
N ASP A 253 -25.36 9.68 32.00
CA ASP A 253 -24.93 9.21 33.31
C ASP A 253 -24.84 7.68 33.48
N LYS A 254 -25.08 6.90 32.42
CA LYS A 254 -24.75 5.47 32.42
C LYS A 254 -23.34 5.32 31.90
N HIS A 255 -22.41 4.90 32.77
CA HIS A 255 -20.99 4.86 32.42
C HIS A 255 -20.48 3.43 32.37
N LEU A 256 -19.94 3.06 31.20
CA LEU A 256 -19.37 1.73 30.95
C LEU A 256 -17.86 1.89 30.74
N GLU A 257 -17.08 1.03 31.39
CA GLU A 257 -15.62 1.03 31.20
C GLU A 257 -15.12 -0.32 30.74
N ALA A 258 -14.25 -0.29 29.72
CA ALA A 258 -13.71 -1.52 29.17
C ALA A 258 -12.33 -1.31 28.57
N GLY A 259 -11.60 -2.41 28.41
CA GLY A 259 -10.30 -2.38 27.74
C GLY A 259 -10.49 -1.97 26.29
N CYS A 260 -9.72 -1.01 25.82
CA CYS A 260 -9.88 -0.51 24.47
C CYS A 260 -9.66 -1.58 23.41
N ASP A 261 -8.52 -2.25 23.48
CA ASP A 261 -8.18 -3.30 22.52
C ASP A 261 -9.23 -4.42 22.51
N LEU A 262 -9.62 -4.88 23.71
CA LEU A 262 -10.59 -5.97 23.82
C LEU A 262 -11.89 -5.56 23.18
N LEU A 263 -12.33 -4.34 23.46
CA LEU A 263 -13.58 -3.84 22.95
C LEU A 263 -13.52 -3.73 21.42
N LYS A 264 -12.42 -3.20 20.91
CA LYS A 264 -12.20 -3.04 19.47
C LYS A 264 -12.27 -4.38 18.73
N GLN A 265 -11.51 -5.36 19.25
CA GLN A 265 -11.45 -6.71 18.70
CA GLN A 265 -11.45 -6.72 18.70
C GLN A 265 -12.84 -7.32 18.57
N ALA A 266 -13.65 -7.13 19.61
CA ALA A 266 -14.98 -7.74 19.68
C ALA A 266 -15.89 -7.11 18.63
N PHE A 267 -15.85 -5.77 18.55
CA PHE A 267 -16.61 -5.06 17.53
C PHE A 267 -16.14 -5.46 16.13
N ALA A 268 -14.84 -5.55 15.92
CA ALA A 268 -14.29 -5.89 14.60
C ALA A 268 -14.74 -7.30 14.14
N ARG A 269 -14.71 -8.28 15.04
CA ARG A 269 -15.29 -9.60 14.75
C ARG A 269 -16.81 -9.56 14.47
N ALA A 270 -17.59 -8.88 15.33
CA ALA A 270 -19.03 -8.78 15.11
C ALA A 270 -19.33 -8.12 13.76
N ALA A 271 -18.54 -7.10 13.43
CA ALA A 271 -18.71 -6.37 12.15
C ALA A 271 -18.72 -7.30 10.93
N ILE A 272 -17.98 -8.41 11.01
CA ILE A 272 -17.85 -9.32 9.87
C ILE A 272 -19.22 -9.82 9.41
N LEU A 273 -20.12 -10.05 10.36
CA LEU A 273 -21.45 -10.53 10.04
C LEU A 273 -22.53 -9.44 10.14
N SER A 274 -22.10 -8.16 10.08
CA SER A 274 -23.03 -7.02 9.98
C SER A 274 -23.40 -6.75 8.53
N ASN A 275 -24.54 -6.09 8.32
CA ASN A 275 -24.97 -5.66 6.98
C ASN A 275 -23.87 -4.88 6.28
N GLU A 276 -23.54 -5.27 5.04
CA GLU A 276 -22.37 -4.72 4.35
C GLU A 276 -22.49 -3.22 4.04
N LYS A 277 -23.73 -2.74 3.91
CA LYS A 277 -23.99 -1.31 3.65
C LYS A 277 -24.23 -0.53 4.94
N PHE A 278 -25.06 -1.08 5.83
CA PHE A 278 -25.49 -0.35 7.02
C PHE A 278 -24.70 -0.64 8.28
N ARG A 279 -23.98 -1.77 8.31
CA ARG A 279 -22.97 -2.03 9.34
C ARG A 279 -23.51 -1.99 10.79
N GLY A 280 -24.78 -2.31 10.96
CA GLY A 280 -25.43 -2.28 12.27
C GLY A 280 -24.99 -3.39 13.21
N VAL A 281 -24.69 -3.02 14.45
CA VAL A 281 -24.45 -3.96 15.55
C VAL A 281 -25.31 -3.49 16.73
N ARG A 282 -25.77 -4.41 17.57
CA ARG A 282 -26.56 -4.06 18.75
C ARG A 282 -25.74 -4.34 20.00
N LEU A 283 -25.88 -3.45 20.99
CA LEU A 283 -25.19 -3.57 22.26
C LEU A 283 -26.24 -3.81 23.35
N TYR A 284 -26.02 -4.84 24.15
CA TYR A 284 -26.85 -5.13 25.32
C TYR A 284 -25.99 -4.93 26.55
N VAL A 285 -26.26 -3.87 27.30
N VAL A 285 -26.28 -3.89 27.31
CA VAL A 285 -25.46 -3.53 28.48
CA VAL A 285 -25.49 -3.52 28.48
C VAL A 285 -26.21 -3.97 29.73
C VAL A 285 -26.22 -3.96 29.74
N SER A 286 -25.50 -4.62 30.65
CA SER A 286 -26.09 -5.07 31.90
C SER A 286 -24.99 -5.00 32.91
N GLU A 287 -25.30 -5.33 34.16
CA GLU A 287 -24.34 -5.20 35.25
C GLU A 287 -23.03 -5.92 34.89
N ASN A 288 -21.95 -5.16 34.86
CA ASN A 288 -20.61 -5.66 34.52
C ASN A 288 -20.51 -6.54 33.26
N GLN A 289 -21.43 -6.38 32.31
CA GLN A 289 -21.38 -7.17 31.09
C GLN A 289 -21.86 -6.41 29.86
N LEU A 290 -21.18 -6.66 28.74
CA LEU A 290 -21.61 -6.14 27.45
C LEU A 290 -21.72 -7.31 26.48
N LYS A 291 -22.85 -7.37 25.78
CA LYS A 291 -23.03 -8.27 24.66
C LYS A 291 -23.22 -7.46 23.39
N ILE A 292 -22.44 -7.81 22.37
CA ILE A 292 -22.53 -7.22 21.05
C ILE A 292 -23.01 -8.30 20.09
N THR A 293 -24.05 -8.01 19.33
CA THR A 293 -24.53 -8.94 18.31
C THR A 293 -24.58 -8.27 16.95
N ALA A 294 -24.53 -9.10 15.92
CA ALA A 294 -24.65 -8.63 14.55
C ALA A 294 -25.31 -9.70 13.72
N ASN A 295 -26.08 -9.28 12.73
CA ASN A 295 -26.61 -10.22 11.75
C ASN A 295 -26.78 -9.52 10.41
N ASN A 296 -26.93 -10.31 9.35
CA ASN A 296 -26.99 -9.77 8.00
C ASN A 296 -28.18 -10.37 7.25
N PRO A 297 -28.46 -9.87 6.03
CA PRO A 297 -29.62 -10.40 5.30
C PRO A 297 -29.59 -11.91 5.07
N GLU A 298 -28.42 -12.54 5.13
CA GLU A 298 -28.33 -14.00 4.97
C GLU A 298 -28.62 -14.78 6.26
N GLN A 299 -28.94 -14.05 7.34
CA GLN A 299 -29.23 -14.65 8.67
C GLN A 299 -28.01 -15.27 9.32
N GLU A 300 -26.83 -14.83 8.91
CA GLU A 300 -25.61 -15.15 9.62
C GLU A 300 -25.60 -14.24 10.86
N GLU A 301 -25.01 -14.74 11.93
CA GLU A 301 -25.06 -14.06 13.23
C GLU A 301 -23.75 -14.11 13.99
N ALA A 302 -23.37 -12.99 14.61
CA ALA A 302 -22.24 -12.96 15.53
C ALA A 302 -22.66 -12.50 16.93
N GLU A 303 -22.02 -13.07 17.94
CA GLU A 303 -22.27 -12.64 19.30
C GLU A 303 -20.94 -12.58 20.03
N GLU A 304 -20.69 -11.47 20.70
CA GLU A 304 -19.53 -11.31 21.54
C GLU A 304 -20.01 -10.92 22.96
N ILE A 305 -19.43 -11.52 23.98
CA ILE A 305 -19.70 -11.15 25.36
C ILE A 305 -18.39 -10.80 26.04
N LEU A 306 -18.38 -9.67 26.75
CA LEU A 306 -17.19 -9.14 27.40
C LEU A 306 -17.51 -8.81 28.83
N ASP A 307 -16.51 -8.88 29.70
CA ASP A 307 -16.61 -8.26 31.01
C ASP A 307 -16.34 -6.77 30.86
N VAL A 308 -17.14 -5.96 31.54
CA VAL A 308 -16.90 -4.52 31.61
C VAL A 308 -17.29 -4.06 33.00
N THR A 309 -16.96 -2.82 33.30
CA THR A 309 -17.41 -2.19 34.53
C THR A 309 -18.62 -1.34 34.21
N TYR A 310 -19.77 -1.79 34.67
CA TYR A 310 -21.03 -1.08 34.48
C TYR A 310 -21.96 -1.29 35.67
N SER A 311 -22.30 -0.21 36.34
CA SER A 311 -23.33 -0.19 37.37
C SER A 311 -24.34 0.90 37.03
N GLY A 312 -25.29 0.54 36.17
CA GLY A 312 -26.41 1.40 35.80
C GLY A 312 -27.56 0.51 35.39
N ALA A 313 -28.64 1.11 34.89
CA ALA A 313 -29.79 0.34 34.40
C ALA A 313 -29.41 -0.42 33.13
N GLU A 314 -30.11 -1.53 32.88
CA GLU A 314 -29.91 -2.29 31.65
C GLU A 314 -30.48 -1.53 30.48
N MET A 315 -29.84 -1.67 29.32
CA MET A 315 -30.32 -1.04 28.10
C MET A 315 -29.68 -1.64 26.87
N GLU A 316 -30.30 -1.35 25.74
CA GLU A 316 -29.96 -1.92 24.46
C GLU A 316 -29.90 -0.76 23.47
N ILE A 317 -28.93 -0.80 22.57
CA ILE A 317 -28.74 0.28 21.62
C ILE A 317 -28.00 -0.24 20.38
N GLY A 318 -28.32 0.32 19.22
CA GLY A 318 -27.69 -0.05 17.97
C GLY A 318 -26.82 1.06 17.43
N PHE A 319 -25.70 0.70 16.79
CA PHE A 319 -24.81 1.65 16.10
C PHE A 319 -24.27 1.10 14.81
N ASN A 320 -23.81 2.01 13.96
CA ASN A 320 -22.93 1.66 12.85
C ASN A 320 -21.55 1.30 13.44
N VAL A 321 -21.14 0.05 13.28
CA VAL A 321 -19.92 -0.43 13.92
C VAL A 321 -18.65 0.28 13.39
N SER A 322 -18.67 0.76 12.14
CA SER A 322 -17.52 1.46 11.57
CA SER A 322 -17.52 1.46 11.59
C SER A 322 -17.25 2.75 12.36
N TYR A 323 -18.32 3.46 12.71
CA TYR A 323 -18.18 4.69 13.49
C TYR A 323 -17.55 4.42 14.85
N VAL A 324 -17.99 3.36 15.50
CA VAL A 324 -17.39 2.98 16.79
C VAL A 324 -15.94 2.55 16.62
N LEU A 325 -15.65 1.71 15.64
CA LEU A 325 -14.25 1.29 15.39
C LEU A 325 -13.34 2.49 15.07
N ASP A 326 -13.86 3.45 14.30
CA ASP A 326 -13.09 4.67 14.02
C ASP A 326 -12.65 5.33 15.32
N VAL A 327 -13.59 5.48 16.25
CA VAL A 327 -13.27 6.09 17.54
C VAL A 327 -12.19 5.32 18.29
N LEU A 328 -12.41 4.01 18.46
CA LEU A 328 -11.50 3.18 19.24
C LEU A 328 -10.07 3.18 18.64
N ASN A 329 -9.98 3.22 17.31
CA ASN A 329 -8.69 3.35 16.66
C ASN A 329 -8.03 4.71 16.84
N ALA A 330 -8.85 5.75 17.00
CA ALA A 330 -8.36 7.09 17.23
C ALA A 330 -7.83 7.24 18.66
N LEU A 331 -8.43 6.50 19.59
CA LEU A 331 -8.15 6.68 21.01
C LEU A 331 -6.73 6.29 21.48
N LYS A 332 -6.17 5.19 21.01
CA LYS A 332 -4.81 4.81 21.43
C LYS A 332 -4.62 4.85 22.95
N CYS A 333 -5.40 4.06 23.67
CA CYS A 333 -5.33 4.05 25.12
C CYS A 333 -5.74 2.71 25.70
N GLU A 334 -5.58 2.57 27.02
CA GLU A 334 -5.81 1.31 27.70
C GLU A 334 -7.29 1.02 27.88
N ASN A 335 -8.01 1.98 28.45
CA ASN A 335 -9.41 1.79 28.79
C ASN A 335 -10.29 2.89 28.21
N VAL A 336 -11.47 2.50 27.76
N VAL A 336 -11.46 2.51 27.73
CA VAL A 336 -12.43 3.40 27.15
CA VAL A 336 -12.40 3.48 27.19
C VAL A 336 -13.63 3.55 28.09
C VAL A 336 -13.62 3.55 28.09
N ARG A 337 -14.26 4.73 28.07
CA ARG A 337 -15.50 4.96 28.81
C ARG A 337 -16.59 5.28 27.79
N MET A 338 -17.66 4.49 27.82
CA MET A 338 -18.85 4.74 27.02
C MET A 338 -19.91 5.31 27.96
N MET A 339 -20.51 6.41 27.53
CA MET A 339 -21.41 7.18 28.34
C MET A 339 -22.75 7.29 27.62
N LEU A 340 -23.76 6.66 28.23
CA LEU A 340 -25.01 6.33 27.58
C LEU A 340 -26.16 7.10 28.21
N THR A 341 -27.19 7.30 27.40
CA THR A 341 -28.38 8.04 27.78
C THR A 341 -29.59 7.10 27.70
N ASP A 342 -29.93 6.66 26.48
CA ASP A 342 -30.99 5.68 26.28
C ASP A 342 -30.85 5.09 24.87
N SER A 343 -31.77 4.23 24.49
CA SER A 343 -31.67 3.48 23.23
C SER A 343 -31.83 4.31 21.98
N VAL A 344 -32.31 5.55 22.11
CA VAL A 344 -32.58 6.38 20.93
C VAL A 344 -31.82 7.70 20.95
N SER A 345 -30.76 7.75 21.76
CA SER A 345 -29.92 8.94 21.89
C SER A 345 -28.45 8.60 21.63
N SER A 346 -27.68 9.62 21.30
CA SER A 346 -26.27 9.44 20.99
C SER A 346 -25.49 8.88 22.18
N VAL A 347 -24.33 8.31 21.89
N VAL A 347 -24.36 8.21 21.89
CA VAL A 347 -23.42 7.86 22.91
CA VAL A 347 -23.42 7.78 22.92
C VAL A 347 -22.13 8.63 22.85
C VAL A 347 -22.17 8.65 22.85
N GLN A 348 -21.60 8.96 24.02
CA GLN A 348 -20.32 9.65 24.13
C GLN A 348 -19.27 8.62 24.52
N ILE A 349 -18.10 8.71 23.89
CA ILE A 349 -16.98 7.81 24.17
C ILE A 349 -15.73 8.63 24.43
N GLU A 350 -14.97 8.23 25.45
CA GLU A 350 -13.74 8.91 25.83
C GLU A 350 -12.69 7.92 26.34
N ASP A 351 -11.44 8.34 26.31
CA ASP A 351 -10.37 7.67 27.05
C ASP A 351 -10.78 7.70 28.51
N ALA A 352 -10.77 6.55 29.17
CA ALA A 352 -11.16 6.51 30.58
C ALA A 352 -10.23 7.38 31.43
N ALA A 353 -8.99 7.56 30.99
CA ALA A 353 -8.00 8.34 31.74
C ALA A 353 -7.80 9.80 31.24
N SER A 354 -8.62 10.24 30.28
CA SER A 354 -8.57 11.65 29.85
C SER A 354 -9.88 12.11 29.24
N GLN A 355 -10.33 13.28 29.67
CA GLN A 355 -11.54 13.91 29.16
C GLN A 355 -11.21 14.97 28.10
N SER A 356 -9.94 15.03 27.73
CA SER A 356 -9.39 15.97 26.74
C SER A 356 -9.99 15.81 25.33
N ALA A 357 -10.43 14.60 24.99
CA ALA A 357 -11.15 14.38 23.73
C ALA A 357 -12.42 13.64 24.01
N ALA A 358 -13.45 13.94 23.22
CA ALA A 358 -14.69 13.24 23.32
C ALA A 358 -15.24 12.97 21.93
N TYR A 359 -15.98 11.87 21.83
CA TYR A 359 -16.51 11.37 20.58
C TYR A 359 -17.97 11.09 20.78
N VAL A 360 -18.79 11.50 19.81
CA VAL A 360 -20.22 11.24 19.86
C VAL A 360 -20.65 10.53 18.60
N VAL A 361 -21.44 9.47 18.79
CA VAL A 361 -21.91 8.65 17.69
C VAL A 361 -23.43 8.51 17.79
N MET A 362 -24.11 8.79 16.69
CA MET A 362 -25.57 8.72 16.68
CA MET A 362 -25.57 8.70 16.57
C MET A 362 -26.03 7.26 16.73
N PRO A 363 -27.21 7.02 17.33
CA PRO A 363 -27.60 5.64 17.40
C PRO A 363 -28.26 5.24 16.08
N MET A 364 -28.39 3.94 15.87
CA MET A 364 -28.92 3.42 14.62
C MET A 364 -30.44 3.42 14.65
N MET B 1 -20.29 -33.03 11.32
CA MET B 1 -18.87 -32.56 11.23
C MET B 1 -18.53 -31.70 12.41
N LYS B 2 -17.47 -32.06 13.13
CA LYS B 2 -17.00 -31.26 14.24
C LYS B 2 -15.50 -31.32 14.35
N PHE B 3 -14.90 -30.18 14.68
CA PHE B 3 -13.50 -30.14 15.04
C PHE B 3 -13.21 -28.97 15.94
N THR B 4 -12.12 -29.07 16.69
CA THR B 4 -11.61 -28.01 17.52
C THR B 4 -10.13 -27.89 17.22
N VAL B 5 -9.67 -26.70 16.84
CA VAL B 5 -8.30 -26.49 16.40
C VAL B 5 -7.76 -25.16 16.89
N GLU B 6 -6.46 -25.08 17.14
CA GLU B 6 -5.85 -23.77 17.45
C GLU B 6 -5.91 -22.84 16.25
N ARG B 7 -6.23 -21.58 16.51
CA ARG B 7 -6.31 -20.54 15.49
C ARG B 7 -5.08 -20.58 14.58
N GLU B 8 -3.91 -20.66 15.19
CA GLU B 8 -2.67 -20.56 14.42
C GLU B 8 -2.43 -21.74 13.50
N HIS B 9 -3.12 -22.86 13.69
CA HIS B 9 -3.02 -24.01 12.78
C HIS B 9 -3.94 -23.88 11.58
N LEU B 10 -4.84 -22.90 11.61
CA LEU B 10 -5.75 -22.64 10.50
C LEU B 10 -5.32 -21.49 9.63
N LEU B 11 -4.51 -20.58 10.15
CA LEU B 11 -4.26 -19.33 9.43
C LEU B 11 -3.52 -19.52 8.12
N LYS B 12 -2.41 -20.25 8.14
CA LYS B 12 -1.66 -20.49 6.91
C LYS B 12 -2.53 -21.26 5.91
N PRO B 13 -3.11 -22.40 6.31
CA PRO B 13 -4.03 -23.10 5.41
C PRO B 13 -5.10 -22.22 4.79
N LEU B 14 -5.69 -21.35 5.60
CA LEU B 14 -6.75 -20.46 5.11
C LEU B 14 -6.24 -19.44 4.10
N GLN B 15 -5.06 -18.86 4.34
CA GLN B 15 -4.41 -17.97 3.36
C GLN B 15 -4.25 -18.67 2.03
N GLN B 16 -3.71 -19.89 2.08
CA GLN B 16 -3.41 -20.65 0.85
C GLN B 16 -4.62 -21.05 0.02
N VAL B 17 -5.71 -21.48 0.67
CA VAL B 17 -6.89 -21.94 -0.07
C VAL B 17 -7.83 -20.79 -0.51
N SER B 18 -7.66 -19.61 0.06
CA SER B 18 -8.37 -18.42 -0.40
C SER B 18 -7.77 -17.82 -1.68
N GLY B 19 -6.53 -18.19 -2.00
CA GLY B 19 -5.83 -17.72 -3.20
C GLY B 19 -6.50 -17.91 -4.57
N PRO B 20 -7.15 -19.09 -4.82
CA PRO B 20 -7.88 -19.25 -6.09
C PRO B 20 -9.14 -18.39 -6.16
N LEU B 27 -20.21 -18.38 -10.04
CA LEU B 27 -20.85 -19.18 -8.99
C LEU B 27 -20.40 -18.75 -7.60
N PRO B 28 -21.34 -18.64 -6.64
CA PRO B 28 -20.97 -18.21 -5.30
C PRO B 28 -20.31 -19.31 -4.46
N ILE B 29 -20.48 -20.58 -4.84
CA ILE B 29 -19.77 -21.64 -4.13
C ILE B 29 -18.25 -21.53 -4.34
N LEU B 30 -17.84 -20.79 -5.38
CA LEU B 30 -16.42 -20.51 -5.61
C LEU B 30 -15.87 -19.50 -4.61
N GLY B 31 -16.76 -18.78 -3.93
CA GLY B 31 -16.38 -17.96 -2.80
C GLY B 31 -16.44 -18.74 -1.49
N ASN B 32 -16.82 -20.01 -1.54
CA ASN B 32 -16.76 -20.86 -0.35
C ASN B 32 -15.52 -21.73 -0.32
N LEU B 33 -15.18 -22.19 0.87
CA LEU B 33 -14.16 -23.22 1.06
C LEU B 33 -14.85 -24.50 1.43
N LEU B 34 -14.39 -25.60 0.85
CA LEU B 34 -14.85 -26.93 1.21
C LEU B 34 -14.07 -27.40 2.42
N LEU B 35 -14.78 -27.85 3.43
CA LEU B 35 -14.18 -28.34 4.65
C LEU B 35 -14.55 -29.81 4.82
N GLN B 36 -13.57 -30.68 5.05
CA GLN B 36 -13.80 -32.11 5.21
C GLN B 36 -13.03 -32.65 6.42
N VAL B 37 -13.73 -33.30 7.33
CA VAL B 37 -13.11 -34.01 8.44
C VAL B 37 -13.17 -35.47 8.09
N ALA B 38 -12.01 -36.11 8.01
CA ALA B 38 -11.92 -37.55 7.72
C ALA B 38 -10.57 -38.07 8.19
N ASP B 39 -10.60 -39.27 8.77
CA ASP B 39 -9.40 -39.99 9.20
C ASP B 39 -8.33 -39.10 9.85
N GLY B 40 -8.74 -38.39 10.89
CA GLY B 40 -7.83 -37.57 11.71
C GLY B 40 -7.43 -36.23 11.12
N THR B 41 -8.10 -35.82 10.04
CA THR B 41 -7.61 -34.70 9.23
C THR B 41 -8.72 -33.76 8.76
N LEU B 42 -8.46 -32.46 8.94
CA LEU B 42 -9.29 -31.43 8.34
C LEU B 42 -8.64 -31.04 7.02
N SER B 43 -9.40 -31.16 5.94
CA SER B 43 -8.97 -30.69 4.63
C SER B 43 -9.78 -29.47 4.23
N LEU B 44 -9.11 -28.47 3.69
CA LEU B 44 -9.75 -27.25 3.20
C LEU B 44 -9.41 -27.11 1.73
N THR B 45 -10.40 -26.78 0.91
CA THR B 45 -10.20 -26.64 -0.51
C THR B 45 -10.82 -25.34 -1.03
N GLY B 46 -10.03 -24.58 -1.78
CA GLY B 46 -10.56 -23.48 -2.56
C GLY B 46 -10.29 -23.70 -4.03
N THR B 47 -11.20 -23.22 -4.89
CA THR B 47 -11.05 -23.35 -6.33
C THR B 47 -11.68 -22.17 -7.07
N ASP B 48 -11.21 -21.92 -8.28
CA ASP B 48 -11.89 -21.03 -9.23
C ASP B 48 -12.25 -21.76 -10.52
N LEU B 49 -12.30 -23.10 -10.44
CA LEU B 49 -12.55 -23.99 -11.59
C LEU B 49 -11.36 -24.13 -12.56
N GLU B 50 -10.40 -23.22 -12.47
CA GLU B 50 -9.21 -23.24 -13.32
C GLU B 50 -8.09 -23.95 -12.55
N MET B 51 -8.01 -23.63 -11.26
CA MET B 51 -7.02 -24.18 -10.35
C MET B 51 -7.64 -24.39 -8.99
N GLU B 52 -6.94 -25.16 -8.17
CA GLU B 52 -7.43 -25.54 -6.85
C GLU B 52 -6.28 -25.68 -5.87
N MET B 53 -6.53 -25.35 -4.61
CA MET B 53 -5.60 -25.57 -3.52
C MET B 53 -6.29 -26.35 -2.41
N VAL B 54 -5.63 -27.41 -1.95
CA VAL B 54 -6.08 -28.22 -0.82
C VAL B 54 -5.02 -28.15 0.29
N ALA B 55 -5.45 -27.86 1.52
CA ALA B 55 -4.55 -27.81 2.67
C ALA B 55 -5.04 -28.79 3.73
N ARG B 56 -4.13 -29.54 4.33
CA ARG B 56 -4.48 -30.49 5.36
C ARG B 56 -4.02 -30.01 6.72
N VAL B 57 -4.88 -30.18 7.71
CA VAL B 57 -4.57 -29.86 9.10
C VAL B 57 -4.84 -31.11 9.92
N ALA B 58 -3.83 -31.54 10.67
CA ALA B 58 -3.96 -32.70 11.55
C ALA B 58 -4.86 -32.33 12.73
N LEU B 59 -5.77 -33.24 13.10
CA LEU B 59 -6.71 -32.98 14.19
C LEU B 59 -6.31 -33.79 15.42
N VAL B 60 -5.74 -33.12 16.41
CA VAL B 60 -5.26 -33.79 17.62
C VAL B 60 -6.32 -33.79 18.72
N GLN B 61 -7.37 -33.00 18.54
CA GLN B 61 -8.46 -32.96 19.50
C GLN B 61 -9.61 -33.78 18.94
N PRO B 62 -10.53 -34.23 19.80
CA PRO B 62 -11.70 -34.98 19.34
C PRO B 62 -12.39 -34.34 18.17
N HIS B 63 -12.87 -35.15 17.24
CA HIS B 63 -13.52 -34.64 16.06
C HIS B 63 -14.56 -35.62 15.60
N GLU B 64 -15.39 -35.14 14.67
CA GLU B 64 -16.47 -35.91 14.10
CA GLU B 64 -16.43 -35.96 14.09
C GLU B 64 -16.44 -35.72 12.59
N PRO B 65 -16.53 -36.80 11.80
CA PRO B 65 -16.43 -36.66 10.34
C PRO B 65 -17.62 -35.96 9.69
N GLY B 66 -17.42 -35.51 8.46
CA GLY B 66 -18.43 -34.82 7.69
C GLY B 66 -17.80 -33.76 6.80
N ALA B 67 -18.61 -33.12 5.96
CA ALA B 67 -18.14 -32.09 5.07
C ALA B 67 -19.20 -31.03 4.87
N THR B 68 -18.75 -29.79 4.64
CA THR B 68 -19.62 -28.66 4.27
C THR B 68 -18.78 -27.62 3.52
N THR B 69 -19.40 -26.56 2.99
CA THR B 69 -18.67 -25.41 2.47
C THR B 69 -19.16 -24.14 3.19
N VAL B 70 -18.25 -23.19 3.44
CA VAL B 70 -18.57 -21.90 4.07
C VAL B 70 -17.92 -20.76 3.32
N PRO B 71 -18.46 -19.53 3.46
CA PRO B 71 -17.82 -18.36 2.84
C PRO B 71 -16.37 -18.19 3.29
N ALA B 72 -15.45 -18.12 2.32
CA ALA B 72 -14.01 -18.12 2.60
C ALA B 72 -13.56 -16.86 3.34
N ARG B 73 -13.95 -15.70 2.81
CA ARG B 73 -13.51 -14.41 3.34
C ARG B 73 -13.98 -14.21 4.79
N LYS B 74 -15.26 -14.48 5.02
CA LYS B 74 -15.83 -14.36 6.36
C LYS B 74 -15.22 -15.35 7.34
N PHE B 75 -15.07 -16.62 6.92
CA PHE B 75 -14.49 -17.62 7.82
C PHE B 75 -13.06 -17.24 8.17
N PHE B 76 -12.27 -16.92 7.15
CA PHE B 76 -10.89 -16.45 7.34
C PHE B 76 -10.84 -15.20 8.23
N ASP B 77 -11.74 -14.25 8.00
CA ASP B 77 -11.74 -13.02 8.82
C ASP B 77 -12.06 -13.28 10.30
N ILE B 78 -13.04 -14.15 10.57
CA ILE B 78 -13.37 -14.54 11.94
C ILE B 78 -12.16 -15.19 12.62
N CYS B 79 -11.57 -16.19 11.97
CA CYS B 79 -10.43 -16.89 12.56
C CYS B 79 -9.27 -15.92 12.79
N ARG B 80 -8.99 -15.04 11.83
CA ARG B 80 -7.88 -14.09 11.99
C ARG B 80 -8.18 -13.07 13.09
N GLY B 81 -9.46 -12.68 13.21
CA GLY B 81 -9.88 -11.68 14.19
C GLY B 81 -9.89 -12.20 15.62
N LEU B 82 -9.96 -13.52 15.76
CA LEU B 82 -9.91 -14.13 17.09
C LEU B 82 -8.52 -13.99 17.71
N PRO B 83 -8.45 -14.05 19.05
CA PRO B 83 -7.18 -13.73 19.68
C PRO B 83 -6.10 -14.79 19.49
N GLU B 84 -4.86 -14.32 19.59
CA GLU B 84 -3.69 -15.17 19.56
C GLU B 84 -3.84 -16.36 20.51
N GLY B 85 -3.67 -17.56 19.96
CA GLY B 85 -3.73 -18.79 20.77
C GLY B 85 -5.12 -19.36 20.99
N ALA B 86 -6.14 -18.68 20.49
CA ALA B 86 -7.53 -19.12 20.65
C ALA B 86 -7.77 -20.53 20.14
N GLU B 87 -8.60 -21.28 20.85
CA GLU B 87 -9.19 -22.53 20.37
C GLU B 87 -10.45 -22.25 19.58
N ILE B 88 -10.54 -22.82 18.38
CA ILE B 88 -11.70 -22.63 17.53
C ILE B 88 -12.46 -23.94 17.36
N ALA B 89 -13.69 -23.95 17.88
CA ALA B 89 -14.57 -25.10 17.84
C ALA B 89 -15.59 -24.85 16.76
N VAL B 90 -15.70 -25.81 15.85
CA VAL B 90 -16.58 -25.70 14.72
C VAL B 90 -17.49 -26.91 14.71
N GLN B 91 -18.78 -26.68 14.51
CA GLN B 91 -19.71 -27.77 14.28
C GLN B 91 -20.82 -27.37 13.33
N LEU B 92 -21.21 -28.33 12.51
CA LEU B 92 -22.24 -28.14 11.50
C LEU B 92 -23.59 -28.32 12.18
N GLU B 93 -24.42 -27.28 12.17
CA GLU B 93 -25.75 -27.32 12.77
C GLU B 93 -26.80 -27.01 11.71
N GLY B 94 -27.26 -28.05 11.03
CA GLY B 94 -28.24 -27.92 9.95
C GLY B 94 -27.64 -27.19 8.76
N GLU B 95 -28.31 -26.12 8.34
CA GLU B 95 -27.83 -25.27 7.23
C GLU B 95 -26.80 -24.21 7.66
N ARG B 96 -26.39 -24.23 8.92
CA ARG B 96 -25.43 -23.27 9.47
C ARG B 96 -24.16 -23.97 9.92
N MET B 97 -23.01 -23.28 9.84
CA MET B 97 -21.80 -23.75 10.51
C MET B 97 -21.54 -22.84 11.69
N LEU B 98 -21.48 -23.43 12.87
CA LEU B 98 -21.28 -22.68 14.10
C LEU B 98 -19.79 -22.64 14.41
N VAL B 99 -19.31 -21.46 14.78
CA VAL B 99 -17.92 -21.26 15.15
C VAL B 99 -17.90 -20.63 16.53
N ARG B 100 -17.16 -21.21 17.46
CA ARG B 100 -17.03 -20.59 18.77
C ARG B 100 -15.63 -20.69 19.36
N SER B 101 -15.33 -19.70 20.15
CA SER B 101 -14.04 -19.54 20.75
C SER B 101 -14.26 -18.56 21.90
N GLY B 102 -13.88 -18.95 23.11
CA GLY B 102 -14.14 -18.15 24.31
C GLY B 102 -15.62 -17.80 24.37
N ARG B 103 -15.95 -16.52 24.46
CA ARG B 103 -17.36 -16.07 24.43
C ARG B 103 -17.71 -15.36 23.14
N SER B 104 -17.05 -15.74 22.06
CA SER B 104 -17.41 -15.30 20.72
C SER B 104 -18.10 -16.47 20.04
N ARG B 105 -19.26 -16.21 19.43
CA ARG B 105 -20.01 -17.23 18.69
C ARG B 105 -20.39 -16.66 17.31
N PHE B 106 -20.32 -17.51 16.29
CA PHE B 106 -20.68 -17.13 14.93
C PHE B 106 -21.48 -18.24 14.25
N SER B 107 -22.48 -17.85 13.49
CA SER B 107 -23.26 -18.78 12.69
C SER B 107 -23.10 -18.34 11.24
N LEU B 108 -22.48 -19.18 10.43
CA LEU B 108 -22.24 -18.92 9.01
C LEU B 108 -23.14 -19.75 8.11
N SER B 109 -23.52 -19.18 6.96
CA SER B 109 -24.31 -19.90 5.99
C SER B 109 -23.43 -20.95 5.32
N THR B 110 -24.03 -22.05 4.90
CA THR B 110 -23.28 -23.10 4.21
C THR B 110 -23.88 -23.39 2.85
N LEU B 111 -23.09 -24.02 1.98
CA LEU B 111 -23.59 -24.64 0.76
C LEU B 111 -23.12 -26.09 0.77
N PRO B 112 -23.95 -27.03 0.25
CA PRO B 112 -23.60 -28.44 0.35
C PRO B 112 -22.26 -28.80 -0.29
N ALA B 113 -21.52 -29.68 0.38
CA ALA B 113 -20.23 -30.19 -0.09
C ALA B 113 -20.39 -30.92 -1.42
N ALA B 114 -21.52 -31.61 -1.58
CA ALA B 114 -21.89 -32.26 -2.86
C ALA B 114 -21.78 -31.31 -4.05
N ASP B 115 -22.08 -30.03 -3.83
CA ASP B 115 -22.06 -29.05 -4.91
C ASP B 115 -20.67 -28.46 -5.16
N PHE B 116 -19.68 -28.80 -4.33
CA PHE B 116 -18.36 -28.20 -4.52
C PHE B 116 -17.72 -28.84 -5.76
N PRO B 117 -17.33 -28.03 -6.76
CA PRO B 117 -16.81 -28.56 -8.01
C PRO B 117 -15.44 -29.23 -7.88
N ASN B 118 -15.24 -30.31 -8.64
CA ASN B 118 -13.93 -30.95 -8.76
C ASN B 118 -13.32 -30.66 -10.12
N LEU B 119 -11.99 -30.63 -10.18
CA LEU B 119 -11.29 -30.59 -11.43
C LEU B 119 -11.41 -31.96 -12.07
N ASP B 120 -11.33 -32.02 -13.40
CA ASP B 120 -11.39 -33.30 -14.09
C ASP B 120 -10.22 -34.16 -13.65
N ASP B 121 -10.43 -35.48 -13.66
CA ASP B 121 -9.36 -36.41 -13.31
C ASP B 121 -8.33 -36.45 -14.43
N TRP B 122 -7.10 -36.82 -14.10
CA TRP B 122 -6.03 -36.83 -15.10
C TRP B 122 -4.84 -37.67 -14.66
N GLN B 123 -4.00 -38.06 -15.61
CA GLN B 123 -2.83 -38.88 -15.33
C GLN B 123 -1.55 -38.06 -15.37
N SER B 124 -0.66 -38.35 -14.42
CA SER B 124 0.65 -37.72 -14.36
C SER B 124 1.55 -38.42 -15.37
N GLU B 125 2.24 -37.63 -16.18
CA GLU B 125 3.14 -38.14 -17.22
C GLU B 125 4.61 -37.77 -16.98
N VAL B 126 4.85 -36.61 -16.36
CA VAL B 126 6.20 -36.18 -16.03
C VAL B 126 6.24 -35.77 -14.56
N GLU B 127 7.25 -36.24 -13.83
CA GLU B 127 7.35 -35.94 -12.39
C GLU B 127 8.78 -35.66 -11.95
N PHE B 128 8.92 -34.78 -10.97
CA PHE B 128 10.22 -34.52 -10.37
C PHE B 128 10.04 -33.82 -9.04
N THR B 129 11.08 -33.91 -8.24
CA THR B 129 11.14 -33.28 -6.91
C THR B 129 12.28 -32.30 -6.96
N LEU B 130 12.07 -31.12 -6.39
CA LEU B 130 13.14 -30.14 -6.26
C LEU B 130 12.98 -29.33 -4.98
N PRO B 131 14.05 -28.65 -4.55
CA PRO B 131 13.87 -27.81 -3.39
C PRO B 131 12.97 -26.60 -3.69
N GLN B 132 12.22 -26.14 -2.69
CA GLN B 132 11.34 -25.00 -2.89
C GLN B 132 12.09 -23.76 -3.38
N ALA B 133 13.28 -23.55 -2.83
CA ALA B 133 14.06 -22.37 -3.15
C ALA B 133 14.41 -22.34 -4.61
N THR B 134 14.62 -23.52 -5.21
CA THR B 134 14.90 -23.61 -6.64
C THR B 134 13.70 -23.15 -7.48
N MET B 135 12.50 -23.64 -7.14
CA MET B 135 11.28 -23.23 -7.85
C MET B 135 10.98 -21.75 -7.63
N LYS B 136 11.19 -21.29 -6.40
CA LYS B 136 11.01 -19.88 -6.09
C LYS B 136 11.92 -18.98 -6.96
N ARG B 137 13.20 -19.34 -7.07
CA ARG B 137 14.17 -18.62 -7.90
CA ARG B 137 14.11 -18.52 -7.88
C ARG B 137 13.70 -18.57 -9.36
N LEU B 138 13.39 -19.75 -9.90
CA LEU B 138 12.91 -19.88 -11.28
C LEU B 138 11.73 -18.94 -11.61
N ILE B 139 10.73 -18.91 -10.74
CA ILE B 139 9.54 -18.09 -10.96
C ILE B 139 9.82 -16.60 -10.75
N GLU B 140 10.45 -16.25 -9.64
CA GLU B 140 10.79 -14.86 -9.34
C GLU B 140 11.70 -14.22 -10.38
N ALA B 141 12.60 -15.02 -10.93
CA ALA B 141 13.53 -14.50 -11.92
C ALA B 141 12.83 -14.05 -13.19
N THR B 142 11.64 -14.59 -13.47
CA THR B 142 11.01 -14.42 -14.79
C THR B 142 9.56 -13.89 -14.80
N GLN B 143 8.85 -14.08 -13.69
CA GLN B 143 7.43 -13.74 -13.55
CA GLN B 143 7.42 -13.74 -13.55
C GLN B 143 7.02 -12.37 -14.14
N PHE B 144 7.82 -11.36 -13.87
CA PHE B 144 7.50 -10.00 -14.30
C PHE B 144 7.43 -9.82 -15.83
N SER B 145 8.01 -10.74 -16.60
CA SER B 145 7.97 -10.63 -18.06
C SER B 145 6.81 -11.35 -18.74
N MET B 146 5.92 -11.97 -17.95
CA MET B 146 4.70 -12.59 -18.50
C MET B 146 3.75 -11.50 -18.97
N ALA B 147 3.01 -11.78 -20.05
CA ALA B 147 1.94 -10.88 -20.49
C ALA B 147 0.76 -10.87 -19.50
N HIS B 148 0.00 -9.77 -19.55
CA HIS B 148 -1.24 -9.56 -18.77
C HIS B 148 -2.40 -9.38 -19.74
N GLN B 149 -3.36 -10.30 -19.72
CA GLN B 149 -4.56 -10.17 -20.56
C GLN B 149 -4.25 -9.91 -22.04
N ASP B 150 -3.13 -10.41 -22.56
CA ASP B 150 -2.86 -10.25 -23.98
C ASP B 150 -3.79 -11.14 -24.78
N VAL B 151 -4.15 -10.70 -25.98
CA VAL B 151 -5.01 -11.50 -26.87
C VAL B 151 -4.31 -12.82 -27.25
N ARG B 152 -2.99 -12.79 -27.38
CA ARG B 152 -2.20 -14.00 -27.49
C ARG B 152 -2.17 -14.66 -26.11
N TYR B 153 -3.23 -15.45 -25.87
CA TYR B 153 -3.51 -16.05 -24.56
C TYR B 153 -2.36 -16.92 -24.06
N TYR B 154 -1.61 -17.50 -24.98
CA TYR B 154 -0.45 -18.35 -24.66
C TYR B 154 0.73 -17.59 -24.03
N LEU B 155 0.68 -16.26 -24.03
CA LEU B 155 1.69 -15.42 -23.36
C LEU B 155 1.32 -15.01 -21.94
N ASN B 156 0.07 -15.26 -21.55
CA ASN B 156 -0.44 -14.89 -20.24
C ASN B 156 -0.15 -16.04 -19.27
N GLY B 157 1.13 -16.34 -19.13
CA GLY B 157 1.57 -17.46 -18.34
C GLY B 157 3.05 -17.65 -18.51
N MET B 158 3.55 -18.76 -17.98
CA MET B 158 4.98 -19.01 -17.96
C MET B 158 5.25 -20.41 -18.52
N LEU B 159 6.28 -20.51 -19.35
CA LEU B 159 6.69 -21.81 -19.85
C LEU B 159 7.55 -22.50 -18.80
N PHE B 160 7.24 -23.77 -18.55
CA PHE B 160 8.07 -24.65 -17.73
C PHE B 160 8.58 -25.74 -18.67
N GLU B 161 9.90 -25.79 -18.82
CA GLU B 161 10.55 -26.67 -19.77
C GLU B 161 11.53 -27.55 -19.04
N THR B 162 11.45 -28.86 -19.28
CA THR B 162 12.38 -29.82 -18.74
C THR B 162 13.26 -30.29 -19.88
N GLU B 163 14.55 -30.41 -19.60
CA GLU B 163 15.52 -30.90 -20.57
C GLU B 163 16.74 -31.43 -19.82
N GLY B 164 17.11 -32.68 -20.09
CA GLY B 164 18.24 -33.29 -19.40
C GLY B 164 17.96 -33.38 -17.92
N GLU B 165 18.79 -32.72 -17.11
CA GLU B 165 18.54 -32.63 -15.67
C GLU B 165 18.21 -31.22 -15.21
N GLU B 166 17.77 -30.35 -16.13
CA GLU B 166 17.44 -28.99 -15.74
C GLU B 166 15.98 -28.68 -15.96
N LEU B 167 15.52 -27.73 -15.15
CA LEU B 167 14.20 -27.14 -15.30
C LEU B 167 14.42 -25.68 -15.66
N ARG B 168 13.66 -25.21 -16.64
CA ARG B 168 13.78 -23.86 -17.14
C ARG B 168 12.41 -23.19 -17.20
N THR B 169 12.37 -21.91 -16.80
CA THR B 169 11.19 -21.09 -17.01
C THR B 169 11.48 -20.01 -18.05
N VAL B 170 10.46 -19.69 -18.81
CA VAL B 170 10.51 -18.62 -19.80
C VAL B 170 9.23 -17.80 -19.67
N ALA B 171 9.38 -16.49 -19.75
CA ALA B 171 8.26 -15.58 -19.76
C ALA B 171 8.53 -14.46 -20.74
N THR B 172 7.51 -14.11 -21.50
CA THR B 172 7.60 -12.97 -22.40
C THR B 172 6.22 -12.40 -22.69
N ASP B 173 6.20 -11.10 -22.98
CA ASP B 173 4.96 -10.41 -23.30
C ASP B 173 4.94 -9.98 -24.77
N GLY B 174 5.89 -10.48 -25.55
CA GLY B 174 6.00 -10.09 -26.95
C GLY B 174 6.93 -8.91 -27.18
N HIS B 175 7.49 -8.37 -26.09
CA HIS B 175 8.37 -7.20 -26.15
C HIS B 175 9.72 -7.42 -25.49
N ARG B 176 9.71 -8.06 -24.34
CA ARG B 176 10.92 -8.43 -23.63
C ARG B 176 10.79 -9.85 -23.08
N LEU B 177 11.92 -10.45 -22.75
CA LEU B 177 11.92 -11.86 -22.37
C LEU B 177 12.80 -12.08 -21.17
N ALA B 178 12.39 -13.02 -20.33
CA ALA B 178 13.17 -13.49 -19.19
C ALA B 178 13.24 -15.02 -19.28
N VAL B 179 14.42 -15.55 -19.02
CA VAL B 179 14.62 -17.00 -18.98
C VAL B 179 15.51 -17.34 -17.79
N CYS B 180 15.17 -18.42 -17.11
CA CYS B 180 15.99 -18.92 -16.01
C CYS B 180 16.03 -20.45 -16.05
N SER B 181 17.21 -21.02 -15.83
CA SER B 181 17.45 -22.46 -15.86
C SER B 181 18.24 -22.87 -14.63
N MET B 182 17.81 -23.98 -14.00
CA MET B 182 18.44 -24.51 -12.80
CA MET B 182 18.51 -24.50 -12.85
C MET B 182 18.57 -26.02 -12.91
N PRO B 183 19.74 -26.58 -12.54
CA PRO B 183 19.84 -28.04 -12.54
C PRO B 183 19.12 -28.60 -11.33
N ILE B 184 18.41 -29.72 -11.50
CA ILE B 184 17.67 -30.30 -10.40
C ILE B 184 18.00 -31.78 -10.12
N GLY B 185 19.09 -32.27 -10.69
CA GLY B 185 19.66 -33.54 -10.28
C GLY B 185 18.81 -34.77 -10.54
N GLN B 186 18.02 -34.75 -11.61
CA GLN B 186 17.29 -35.95 -12.02
C GLN B 186 17.01 -35.92 -13.49
N SER B 187 17.03 -37.10 -14.09
CA SER B 187 16.95 -37.24 -15.53
C SER B 187 15.52 -37.04 -15.99
N LEU B 188 15.30 -36.06 -16.86
CA LEU B 188 13.95 -35.68 -17.27
C LEU B 188 13.73 -35.87 -18.77
N PRO B 189 12.47 -36.13 -19.17
CA PRO B 189 12.16 -36.07 -20.59
C PRO B 189 12.20 -34.63 -21.08
N SER B 190 12.38 -34.45 -22.38
CA SER B 190 12.31 -33.12 -22.97
C SER B 190 10.86 -32.79 -23.17
N HIS B 191 10.37 -31.84 -22.39
CA HIS B 191 8.96 -31.49 -22.36
C HIS B 191 8.75 -30.03 -22.00
N SER B 192 7.65 -29.45 -22.45
CA SER B 192 7.33 -28.10 -22.00
C SER B 192 5.83 -27.87 -21.95
N VAL B 193 5.42 -27.09 -20.95
CA VAL B 193 4.02 -26.70 -20.74
C VAL B 193 3.93 -25.23 -20.37
N ILE B 194 2.74 -24.66 -20.56
CA ILE B 194 2.47 -23.28 -20.18
C ILE B 194 1.55 -23.27 -18.99
N VAL B 195 2.01 -22.62 -17.92
CA VAL B 195 1.21 -22.48 -16.72
C VAL B 195 0.57 -21.10 -16.74
N PRO B 196 -0.76 -21.03 -16.54
CA PRO B 196 -1.48 -19.74 -16.51
C PRO B 196 -0.91 -18.80 -15.46
N ARG B 197 -0.91 -17.51 -15.74
CA ARG B 197 -0.23 -16.55 -14.87
C ARG B 197 -0.77 -16.58 -13.43
N LYS B 198 -2.09 -16.71 -13.28
N LYS B 198 -2.08 -16.69 -13.26
CA LYS B 198 -2.72 -16.83 -11.96
CA LYS B 198 -2.66 -16.79 -11.91
C LYS B 198 -2.19 -18.06 -11.23
C LYS B 198 -2.18 -18.06 -11.20
N GLY B 199 -2.00 -19.14 -11.97
CA GLY B 199 -1.44 -20.38 -11.41
C GLY B 199 0.00 -20.23 -10.97
N VAL B 200 0.79 -19.48 -11.74
CA VAL B 200 2.19 -19.20 -11.41
C VAL B 200 2.24 -18.43 -10.10
N ILE B 201 1.44 -17.39 -9.98
CA ILE B 201 1.40 -16.58 -8.76
C ILE B 201 1.01 -17.42 -7.54
N GLU B 202 -0.01 -18.28 -7.71
CA GLU B 202 -0.45 -19.12 -6.60
C GLU B 202 0.62 -20.15 -6.21
N LEU B 203 1.26 -20.76 -7.20
CA LEU B 203 2.35 -21.70 -6.95
C LEU B 203 3.43 -21.00 -6.15
N MET B 204 3.89 -19.87 -6.68
CA MET B 204 4.90 -19.03 -6.05
CA MET B 204 4.91 -19.05 -6.05
C MET B 204 4.58 -18.82 -4.58
N ARG B 205 3.35 -18.41 -4.30
CA ARG B 205 2.94 -18.09 -2.93
C ARG B 205 2.75 -19.28 -1.96
N MET B 206 2.63 -20.50 -2.50
N MET B 206 2.63 -20.50 -2.51
CA MET B 206 2.52 -21.68 -1.65
CA MET B 206 2.52 -21.70 -1.68
C MET B 206 3.88 -22.14 -1.10
C MET B 206 3.87 -22.15 -1.13
N LEU B 207 4.95 -21.57 -1.64
CA LEU B 207 6.31 -21.95 -1.25
C LEU B 207 6.82 -21.03 -0.15
N ASP B 208 7.23 -21.61 0.98
CA ASP B 208 7.80 -20.82 2.09
C ASP B 208 9.33 -20.84 2.12
N GLY B 209 9.93 -21.59 1.19
CA GLY B 209 11.40 -21.73 1.11
C GLY B 209 11.98 -22.73 2.10
N GLY B 210 11.13 -23.47 2.79
CA GLY B 210 11.52 -24.33 3.92
C GLY B 210 12.14 -25.64 3.52
N ASP B 211 12.09 -26.61 4.42
CA ASP B 211 12.84 -27.87 4.22
C ASP B 211 12.02 -29.00 3.60
N ASN B 212 10.71 -28.78 3.47
CA ASN B 212 9.84 -29.71 2.74
C ASN B 212 10.17 -29.72 1.22
N PRO B 213 10.41 -30.90 0.65
CA PRO B 213 10.63 -30.99 -0.80
C PRO B 213 9.36 -30.65 -1.59
N LEU B 214 9.52 -30.06 -2.77
CA LEU B 214 8.40 -29.79 -3.67
C LEU B 214 8.34 -30.88 -4.72
N ARG B 215 7.18 -31.54 -4.82
CA ARG B 215 6.96 -32.56 -5.83
C ARG B 215 6.03 -31.99 -6.90
N VAL B 216 6.47 -32.05 -8.15
CA VAL B 216 5.72 -31.55 -9.28
C VAL B 216 5.30 -32.72 -10.16
N GLN B 217 4.04 -32.71 -10.56
CA GLN B 217 3.46 -33.71 -11.45
C GLN B 217 2.81 -32.99 -12.64
N ILE B 218 3.20 -33.37 -13.85
CA ILE B 218 2.66 -32.75 -15.06
C ILE B 218 1.91 -33.77 -15.92
N GLY B 219 0.69 -33.40 -16.30
CA GLY B 219 -0.12 -34.21 -17.20
C GLY B 219 -0.26 -33.53 -18.55
N SER B 220 -1.08 -34.13 -19.41
CA SER B 220 -1.35 -33.54 -20.73
C SER B 220 -1.89 -32.12 -20.61
N ASN B 221 -2.79 -31.91 -19.66
CA ASN B 221 -3.53 -30.66 -19.57
C ASN B 221 -3.54 -30.03 -18.18
N ASN B 222 -2.76 -30.59 -17.25
CA ASN B 222 -2.76 -30.12 -15.88
C ASN B 222 -1.37 -30.15 -15.28
N ILE B 223 -1.20 -29.40 -14.19
CA ILE B 223 -0.01 -29.46 -13.38
C ILE B 223 -0.38 -29.48 -11.91
N ARG B 224 0.42 -30.19 -11.12
CA ARG B 224 0.18 -30.27 -9.69
C ARG B 224 1.49 -30.10 -8.95
N ALA B 225 1.43 -29.34 -7.87
CA ALA B 225 2.58 -29.13 -7.01
C ALA B 225 2.20 -29.48 -5.56
N HIS B 226 2.95 -30.42 -4.98
CA HIS B 226 2.72 -30.91 -3.64
CA HIS B 226 2.73 -30.92 -3.61
C HIS B 226 3.89 -30.51 -2.74
N VAL B 227 3.60 -29.80 -1.66
CA VAL B 227 4.62 -29.49 -0.68
C VAL B 227 4.01 -29.60 0.70
N GLY B 228 4.59 -30.47 1.53
CA GLY B 228 4.09 -30.70 2.90
C GLY B 228 2.59 -30.89 2.93
N ASP B 229 1.87 -30.02 3.64
CA ASP B 229 0.42 -30.14 3.83
C ASP B 229 -0.43 -29.54 2.70
N PHE B 230 0.18 -29.07 1.62
CA PHE B 230 -0.52 -28.34 0.57
C PHE B 230 -0.40 -29.03 -0.77
N ILE B 231 -1.50 -29.00 -1.53
CA ILE B 231 -1.50 -29.54 -2.89
C ILE B 231 -2.20 -28.55 -3.80
N PHE B 232 -1.45 -28.06 -4.79
CA PHE B 232 -1.94 -27.13 -5.78
C PHE B 232 -2.12 -27.84 -7.13
N THR B 233 -3.26 -27.65 -7.78
CA THR B 233 -3.50 -28.22 -9.10
C THR B 233 -4.05 -27.11 -9.99
N SER B 234 -3.50 -26.99 -11.20
CA SER B 234 -3.99 -26.04 -12.19
C SER B 234 -4.11 -26.67 -13.58
N LYS B 235 -5.01 -26.13 -14.38
CA LYS B 235 -5.03 -26.40 -15.81
C LYS B 235 -3.83 -25.76 -16.45
N LEU B 236 -3.38 -26.35 -17.55
CA LEU B 236 -2.36 -25.73 -18.37
C LEU B 236 -3.02 -24.84 -19.42
N VAL B 237 -2.25 -23.94 -20.01
CA VAL B 237 -2.70 -23.19 -21.17
C VAL B 237 -2.47 -24.03 -22.40
N ASP B 238 -3.56 -24.39 -23.07
CA ASP B 238 -3.48 -25.21 -24.25
C ASP B 238 -3.08 -24.32 -25.44
N GLY B 239 -1.79 -24.16 -25.63
CA GLY B 239 -1.25 -23.33 -26.72
C GLY B 239 0.20 -23.60 -26.98
N ARG B 240 0.72 -22.93 -28.01
CA ARG B 240 2.11 -23.06 -28.42
C ARG B 240 2.86 -21.83 -27.95
N PHE B 241 3.99 -22.03 -27.27
CA PHE B 241 4.81 -20.92 -26.74
C PHE B 241 5.96 -20.58 -27.71
N PRO B 242 6.30 -19.29 -27.86
CA PRO B 242 7.46 -18.96 -28.72
C PRO B 242 8.81 -19.58 -28.25
N ASP B 243 9.75 -19.75 -29.18
CA ASP B 243 11.07 -20.32 -28.87
C ASP B 243 12.07 -19.25 -28.40
N TYR B 244 12.46 -19.30 -27.12
CA TYR B 244 13.32 -18.26 -26.53
C TYR B 244 14.67 -18.12 -27.24
N ARG B 245 15.16 -19.23 -27.79
CA ARG B 245 16.45 -19.24 -28.44
CA ARG B 245 16.46 -19.25 -28.46
C ARG B 245 16.48 -18.30 -29.65
N ARG B 246 15.32 -18.07 -30.26
CA ARG B 246 15.24 -17.23 -31.46
C ARG B 246 15.58 -15.75 -31.21
N VAL B 247 15.32 -15.24 -30.00
CA VAL B 247 15.55 -13.83 -29.69
C VAL B 247 16.88 -13.58 -28.97
N LEU B 248 17.59 -14.63 -28.57
CA LEU B 248 18.88 -14.43 -27.93
C LEU B 248 19.89 -13.93 -28.97
N PRO B 249 20.56 -12.80 -28.71
CA PRO B 249 21.55 -12.29 -29.65
C PRO B 249 22.74 -13.23 -29.83
N LYS B 250 23.20 -13.39 -31.07
CA LYS B 250 24.33 -14.29 -31.37
C LYS B 250 25.71 -13.68 -31.06
N ASN B 251 26.47 -14.35 -30.20
CA ASN B 251 27.86 -13.96 -29.89
C ASN B 251 28.04 -12.47 -29.62
N PRO B 252 27.21 -11.90 -28.71
CA PRO B 252 27.44 -10.49 -28.37
C PRO B 252 28.87 -10.31 -27.86
N ASP B 253 29.61 -9.40 -28.47
CA ASP B 253 31.05 -9.31 -28.21
C ASP B 253 31.43 -8.06 -27.46
N LYS B 254 30.44 -7.30 -26.96
CA LYS B 254 30.72 -6.06 -26.23
C LYS B 254 30.05 -6.12 -24.86
N HIS B 255 30.80 -6.55 -23.85
CA HIS B 255 30.22 -6.78 -22.54
C HIS B 255 30.51 -5.60 -21.65
N LEU B 256 29.45 -4.96 -21.18
CA LEU B 256 29.57 -3.88 -20.19
C LEU B 256 29.26 -4.48 -18.83
N GLU B 257 30.07 -4.15 -17.82
CA GLU B 257 29.79 -4.56 -16.44
C GLU B 257 29.80 -3.36 -15.52
N ALA B 258 28.82 -3.33 -14.62
CA ALA B 258 28.68 -2.25 -13.66
C ALA B 258 27.95 -2.75 -12.42
N GLY B 259 28.14 -2.04 -11.31
CA GLY B 259 27.37 -2.29 -10.11
C GLY B 259 25.89 -2.07 -10.39
N CYS B 260 25.07 -3.00 -9.91
CA CYS B 260 23.66 -3.02 -10.27
C CYS B 260 22.93 -1.77 -9.77
N ASP B 261 23.19 -1.41 -8.53
CA ASP B 261 22.45 -0.31 -7.91
C ASP B 261 22.83 1.02 -8.54
N LEU B 262 24.13 1.25 -8.80
CA LEU B 262 24.55 2.48 -9.49
C LEU B 262 23.94 2.57 -10.88
N LEU B 263 23.94 1.46 -11.61
CA LEU B 263 23.36 1.45 -12.94
C LEU B 263 21.85 1.74 -12.86
N LYS B 264 21.18 1.07 -11.92
CA LYS B 264 19.75 1.25 -11.69
C LYS B 264 19.37 2.70 -11.35
N GLN B 265 20.10 3.30 -10.42
CA GLN B 265 19.80 4.67 -9.98
C GLN B 265 20.03 5.67 -11.11
N ALA B 266 21.06 5.46 -11.93
CA ALA B 266 21.29 6.30 -13.11
C ALA B 266 20.10 6.20 -14.07
N PHE B 267 19.74 4.96 -14.44
CA PHE B 267 18.57 4.75 -15.29
C PHE B 267 17.30 5.38 -14.69
N ALA B 268 17.09 5.22 -13.38
CA ALA B 268 15.86 5.73 -12.73
C ALA B 268 15.76 7.26 -12.76
N ARG B 269 16.88 7.94 -12.55
CA ARG B 269 16.94 9.39 -12.69
C ARG B 269 16.71 9.82 -14.16
N ALA B 270 17.41 9.17 -15.10
CA ALA B 270 17.24 9.50 -16.51
C ALA B 270 15.80 9.32 -16.96
N ALA B 271 15.18 8.24 -16.49
CA ALA B 271 13.80 7.90 -16.84
C ALA B 271 12.81 9.02 -16.55
N ILE B 272 13.11 9.85 -15.55
CA ILE B 272 12.22 10.97 -15.17
C ILE B 272 11.93 11.89 -16.37
N LEU B 273 12.91 12.09 -17.23
CA LEU B 273 12.76 12.97 -18.39
C LEU B 273 12.65 12.21 -19.73
N SER B 274 12.29 10.92 -19.65
CA SER B 274 11.93 10.11 -20.83
C SER B 274 10.47 10.28 -21.21
N ASN B 275 10.16 9.94 -22.46
CA ASN B 275 8.79 9.93 -22.96
C ASN B 275 7.94 9.03 -22.05
N GLU B 276 6.82 9.59 -21.60
CA GLU B 276 5.94 8.89 -20.66
C GLU B 276 5.35 7.62 -21.22
N LYS B 277 5.14 7.58 -22.53
CA LYS B 277 4.49 6.44 -23.15
C LYS B 277 5.51 5.42 -23.65
N PHE B 278 6.60 5.90 -24.24
CA PHE B 278 7.54 5.00 -24.93
C PHE B 278 8.88 4.80 -24.23
N ARG B 279 9.21 5.70 -23.30
CA ARG B 279 10.25 5.47 -22.29
C ARG B 279 11.65 5.17 -22.84
N GLY B 280 11.94 5.71 -24.01
CA GLY B 280 13.21 5.48 -24.66
C GLY B 280 14.33 6.26 -24.03
N VAL B 281 15.44 5.58 -23.73
CA VAL B 281 16.69 6.22 -23.31
C VAL B 281 17.84 5.71 -24.19
N ARG B 282 18.85 6.55 -24.38
CA ARG B 282 20.01 6.21 -25.21
C ARG B 282 21.22 5.93 -24.35
N LEU B 283 22.00 4.92 -24.74
CA LEU B 283 23.28 4.61 -24.13
C LEU B 283 24.39 4.93 -25.13
N TYR B 284 25.47 5.53 -24.64
CA TYR B 284 26.69 5.72 -25.41
C TYR B 284 27.79 5.03 -24.61
N VAL B 285 28.34 3.96 -25.17
CA VAL B 285 29.37 3.20 -24.47
C VAL B 285 30.75 3.55 -25.03
N SER B 286 31.70 3.78 -24.13
CA SER B 286 33.09 4.05 -24.50
C SER B 286 34.00 3.43 -23.43
N GLU B 287 35.32 3.53 -23.62
CA GLU B 287 36.27 2.83 -22.74
C GLU B 287 35.95 3.11 -21.28
N ASN B 288 35.51 2.07 -20.57
CA ASN B 288 35.08 2.13 -19.17
C ASN B 288 34.13 3.26 -18.80
N GLN B 289 33.25 3.63 -19.72
CA GLN B 289 32.34 4.73 -19.45
C GLN B 289 31.02 4.47 -20.12
N LEU B 290 29.94 4.80 -19.40
CA LEU B 290 28.60 4.74 -19.94
C LEU B 290 27.97 6.12 -19.78
N LYS B 291 27.41 6.64 -20.86
CA LYS B 291 26.58 7.84 -20.82
C LYS B 291 25.14 7.47 -21.19
N ILE B 292 24.21 7.88 -20.35
CA ILE B 292 22.79 7.60 -20.59
C ILE B 292 22.12 8.94 -20.81
N THR B 293 21.34 9.07 -21.89
CA THR B 293 20.53 10.27 -22.09
C THR B 293 19.05 9.97 -22.26
N ALA B 294 18.23 10.98 -21.93
CA ALA B 294 16.79 10.87 -22.05
C ALA B 294 16.24 12.24 -22.40
N ASN B 295 15.24 12.28 -23.24
CA ASN B 295 14.46 13.50 -23.46
C ASN B 295 13.02 13.17 -23.74
N ASN B 296 12.17 14.19 -23.64
CA ASN B 296 10.73 13.99 -23.71
C ASN B 296 10.17 14.99 -24.73
N PRO B 297 8.87 14.91 -25.03
CA PRO B 297 8.29 15.84 -26.01
C PRO B 297 8.41 17.31 -25.64
N GLU B 298 8.54 17.61 -24.35
CA GLU B 298 8.70 18.99 -23.89
CA GLU B 298 8.71 19.00 -23.88
C GLU B 298 10.17 19.45 -23.96
N GLN B 299 11.04 18.61 -24.52
CA GLN B 299 12.45 18.93 -24.72
C GLN B 299 13.24 19.11 -23.44
N GLU B 300 12.78 18.51 -22.36
CA GLU B 300 13.58 18.39 -21.16
C GLU B 300 14.54 17.24 -21.40
N GLU B 301 15.70 17.30 -20.75
CA GLU B 301 16.78 16.37 -21.04
C GLU B 301 17.48 15.95 -19.75
N ALA B 302 17.83 14.67 -19.68
CA ALA B 302 18.63 14.10 -18.62
C ALA B 302 19.90 13.47 -19.20
N GLU B 303 21.00 13.55 -18.45
CA GLU B 303 22.23 12.88 -18.82
C GLU B 303 22.90 12.31 -17.58
N GLU B 304 23.35 11.06 -17.67
CA GLU B 304 24.06 10.39 -16.60
C GLU B 304 25.33 9.80 -17.19
N ILE B 305 26.45 10.01 -16.49
CA ILE B 305 27.73 9.41 -16.85
C ILE B 305 28.22 8.60 -15.66
N LEU B 306 28.62 7.36 -15.93
CA LEU B 306 29.12 6.47 -14.90
C LEU B 306 30.37 5.79 -15.37
N ASP B 307 31.23 5.44 -14.42
CA ASP B 307 32.34 4.53 -14.66
C ASP B 307 31.77 3.12 -14.72
N VAL B 308 32.20 2.36 -15.73
CA VAL B 308 31.83 0.96 -15.82
C VAL B 308 33.06 0.21 -16.31
N THR B 309 32.95 -1.11 -16.41
CA THR B 309 33.98 -1.92 -17.07
C THR B 309 33.51 -2.17 -18.49
N TYR B 310 34.28 -1.70 -19.47
CA TYR B 310 33.94 -1.86 -20.87
C TYR B 310 35.17 -1.57 -21.74
N SER B 311 35.50 -2.50 -22.63
CA SER B 311 36.68 -2.38 -23.49
C SER B 311 36.37 -2.49 -24.99
N GLY B 312 35.12 -2.75 -25.35
CA GLY B 312 34.75 -2.95 -26.77
C GLY B 312 34.74 -1.68 -27.61
N ALA B 313 34.37 -1.81 -28.89
CA ALA B 313 34.23 -0.66 -29.77
C ALA B 313 33.15 0.30 -29.23
N GLU B 314 33.34 1.59 -29.46
CA GLU B 314 32.30 2.57 -29.09
C GLU B 314 31.02 2.31 -29.88
N MET B 315 29.88 2.45 -29.22
CA MET B 315 28.59 2.32 -29.90
C MET B 315 27.49 3.07 -29.13
N GLU B 316 26.38 3.28 -29.82
CA GLU B 316 25.19 3.89 -29.28
C GLU B 316 24.07 2.86 -29.40
N ILE B 317 23.13 2.88 -28.46
CA ILE B 317 21.93 2.04 -28.55
C ILE B 317 20.81 2.62 -27.68
N GLY B 318 19.58 2.51 -28.14
CA GLY B 318 18.42 2.89 -27.36
C GLY B 318 17.63 1.70 -26.83
N PHE B 319 17.04 1.87 -25.64
CA PHE B 319 16.17 0.89 -24.99
C PHE B 319 15.00 1.56 -24.31
N ASN B 320 13.93 0.80 -24.11
CA ASN B 320 12.85 1.16 -23.20
C ASN B 320 13.38 1.05 -21.76
N VAL B 321 13.40 2.17 -21.05
CA VAL B 321 13.99 2.20 -19.71
C VAL B 321 13.14 1.46 -18.66
N SER B 322 11.83 1.36 -18.86
CA SER B 322 11.01 0.60 -17.92
C SER B 322 11.38 -0.88 -17.98
N TYR B 323 11.61 -1.40 -19.18
CA TYR B 323 11.99 -2.81 -19.34
C TYR B 323 13.37 -3.08 -18.71
N VAL B 324 14.29 -2.15 -18.88
CA VAL B 324 15.63 -2.27 -18.30
C VAL B 324 15.57 -2.22 -16.78
N LEU B 325 14.80 -1.27 -16.25
CA LEU B 325 14.62 -1.15 -14.79
C LEU B 325 13.93 -2.40 -14.21
N ASP B 326 12.97 -2.97 -14.94
CA ASP B 326 12.33 -4.23 -14.51
C ASP B 326 13.38 -5.33 -14.32
N VAL B 327 14.31 -5.44 -15.27
CA VAL B 327 15.37 -6.45 -15.20
C VAL B 327 16.28 -6.18 -14.01
N LEU B 328 16.70 -4.94 -13.84
CA LEU B 328 17.65 -4.61 -12.77
C LEU B 328 17.03 -4.85 -11.40
N ASN B 329 15.73 -4.57 -11.27
CA ASN B 329 15.00 -4.82 -10.03
C ASN B 329 14.81 -6.31 -9.74
N ALA B 330 14.55 -7.11 -10.77
CA ALA B 330 14.46 -8.58 -10.58
C ALA B 330 15.81 -9.21 -10.21
N LEU B 331 16.90 -8.67 -10.73
CA LEU B 331 18.24 -9.26 -10.50
C LEU B 331 18.71 -9.22 -9.05
N LYS B 332 18.44 -8.14 -8.33
CA LYS B 332 18.84 -8.07 -6.91
C LYS B 332 20.27 -8.62 -6.64
N CYS B 333 21.22 -8.25 -7.48
CA CYS B 333 22.60 -8.76 -7.35
C CYS B 333 23.60 -7.61 -7.30
N GLU B 334 24.87 -7.93 -7.12
CA GLU B 334 25.88 -6.90 -6.89
C GLU B 334 26.31 -6.22 -8.20
N ASN B 335 26.60 -7.03 -9.22
CA ASN B 335 27.07 -6.52 -10.49
C ASN B 335 26.28 -7.13 -11.64
N VAL B 336 26.07 -6.33 -12.68
CA VAL B 336 25.34 -6.76 -13.87
C VAL B 336 26.22 -6.71 -15.11
N ARG B 337 25.88 -7.59 -16.06
CA ARG B 337 26.56 -7.68 -17.35
C ARG B 337 25.52 -7.35 -18.41
N MET B 338 25.80 -6.33 -19.23
CA MET B 338 25.01 -6.02 -20.41
C MET B 338 25.80 -6.44 -21.64
N MET B 339 25.27 -7.43 -22.35
CA MET B 339 25.94 -8.05 -23.48
C MET B 339 25.41 -7.38 -24.75
N LEU B 340 26.22 -6.50 -25.32
CA LEU B 340 25.84 -5.65 -26.47
C LEU B 340 26.46 -6.12 -27.78
N THR B 341 25.82 -5.75 -28.89
CA THR B 341 26.33 -6.07 -30.23
C THR B 341 26.45 -4.81 -31.09
N ASP B 342 25.33 -4.11 -31.29
CA ASP B 342 25.30 -2.88 -32.08
C ASP B 342 23.94 -2.21 -31.90
N SER B 343 23.76 -1.05 -32.54
CA SER B 343 22.55 -0.22 -32.35
C SER B 343 21.25 -0.83 -32.88
N VAL B 344 21.35 -1.88 -33.70
CA VAL B 344 20.16 -2.48 -34.28
C VAL B 344 19.93 -3.89 -33.77
N SER B 345 20.60 -4.24 -32.68
CA SER B 345 20.48 -5.57 -32.11
C SER B 345 20.00 -5.51 -30.67
N SER B 346 19.38 -6.59 -30.21
CA SER B 346 18.91 -6.67 -28.83
CA SER B 346 18.91 -6.65 -28.83
C SER B 346 20.08 -6.73 -27.87
N VAL B 347 19.80 -6.55 -26.59
CA VAL B 347 20.81 -6.68 -25.55
C VAL B 347 20.40 -7.82 -24.63
N GLN B 348 21.38 -8.58 -24.17
CA GLN B 348 21.15 -9.62 -23.18
C GLN B 348 21.73 -9.14 -21.86
N ILE B 349 20.93 -9.21 -20.80
CA ILE B 349 21.37 -8.73 -19.49
C ILE B 349 21.39 -9.91 -18.54
N GLU B 350 22.46 -9.99 -17.74
CA GLU B 350 22.64 -11.03 -16.73
C GLU B 350 23.28 -10.50 -15.46
N ASP B 351 23.12 -11.25 -14.37
CA ASP B 351 23.97 -11.09 -13.20
C ASP B 351 25.38 -11.39 -13.68
N ALA B 352 26.32 -10.48 -13.42
CA ALA B 352 27.68 -10.63 -13.91
C ALA B 352 28.30 -11.96 -13.43
N ALA B 353 27.89 -12.44 -12.26
CA ALA B 353 28.46 -13.66 -11.70
C ALA B 353 27.66 -14.93 -12.00
N SER B 354 26.59 -14.85 -12.80
CA SER B 354 25.77 -16.04 -13.02
C SER B 354 25.03 -16.03 -14.35
N GLN B 355 25.11 -17.14 -15.10
CA GLN B 355 24.40 -17.26 -16.36
C GLN B 355 23.06 -17.99 -16.20
N SER B 356 22.61 -18.22 -14.98
CA SER B 356 21.37 -18.97 -14.77
C SER B 356 20.12 -18.20 -15.22
N ALA B 357 20.15 -16.87 -15.07
CA ALA B 357 19.07 -16.03 -15.60
C ALA B 357 19.57 -15.10 -16.70
N ALA B 358 18.73 -14.90 -17.71
CA ALA B 358 19.06 -14.01 -18.82
C ALA B 358 17.83 -13.22 -19.21
N TYR B 359 18.08 -11.97 -19.61
CA TYR B 359 16.99 -11.09 -20.00
C TYR B 359 17.30 -10.48 -21.35
N VAL B 360 16.30 -10.39 -22.21
CA VAL B 360 16.50 -9.78 -23.52
C VAL B 360 15.55 -8.61 -23.69
N VAL B 361 16.13 -7.49 -24.12
CA VAL B 361 15.38 -6.28 -24.37
C VAL B 361 15.72 -5.81 -25.79
N MET B 362 14.71 -5.33 -26.51
CA MET B 362 14.86 -4.93 -27.91
C MET B 362 15.51 -3.54 -28.03
N PRO B 363 16.17 -3.28 -29.17
CA PRO B 363 16.72 -1.95 -29.43
C PRO B 363 15.61 -0.97 -29.83
N MET B 364 15.71 0.27 -29.36
CA MET B 364 14.89 1.35 -29.86
C MET B 364 15.75 2.33 -30.69
N ARG B 365 15.18 2.83 -31.77
CA ARG B 365 15.85 3.85 -32.58
C ARG B 365 15.46 5.21 -31.94
N LEU B 366 16.38 5.76 -31.15
CA LEU B 366 16.11 6.85 -30.17
C LEU B 366 15.41 6.38 -28.84
C1 PEG C . -31.37 13.00 24.89
O1 PEG C . -31.59 13.78 26.08
C2 PEG C . -32.61 12.19 24.65
O2 PEG C . -32.78 12.04 23.26
C3 PEG C . -34.14 11.76 22.86
C4 PEG C . -34.01 10.57 21.92
O4 PEG C . -33.61 11.04 20.64
C1 PEG D . -0.05 38.29 8.20
O1 PEG D . 0.11 39.65 8.63
C2 PEG D . -0.71 38.26 6.82
O2 PEG D . 0.28 38.33 5.81
C3 PEG D . -0.22 38.07 4.50
C4 PEG D . 0.79 38.57 3.47
O4 PEG D . 1.98 37.78 3.42
C1 PEG E . -17.37 25.95 25.47
O1 PEG E . -16.03 25.53 25.26
C2 PEG E . -18.13 25.98 24.16
O2 PEG E . -17.54 26.78 23.13
C3 PEG E . -18.54 27.15 22.17
C4 PEG E . -19.06 25.91 21.43
O4 PEG E . -19.97 26.23 20.38
CA CA F . -2.32 -2.38 26.82
CAM 2VD G . -23.73 17.78 12.87
CAL 2VD G . -24.08 18.49 11.60
CAK 2VD G . -25.38 19.24 11.76
CBD 2VD G . -25.64 20.16 10.51
OBF 2VD G . -25.04 21.26 10.51
OBE 2VD G . -26.42 19.78 9.60
CAJ 2VD G . -26.49 18.25 11.96
CAH 2VD G . -26.07 17.17 12.80
CAI 2VD G . -24.81 16.95 13.22
CAE 2VD G . -24.82 15.84 14.01
CAF 2VD G . -23.85 15.17 14.67
CAA 2VD G . -24.13 14.03 15.42
BR 2VD G . -22.85 13.02 16.35
CAB 2VD G . -25.45 13.59 15.48
CAC 2VD G . -26.42 14.29 14.78
CAD 2VD G . -26.10 15.39 14.07
NAG 2VD G . -26.84 16.21 13.33
CAO 2VD G . -28.31 16.08 13.13
CAP 2VD G . -28.70 15.24 11.89
OAQ 2VD G . -29.86 15.26 11.50
N 2VD G . -27.77 14.49 11.27
CA 2VD G . -28.13 13.66 10.09
C 2VD G . -27.26 14.01 8.86
OXT 2VD G . -26.32 14.81 9.01
O 2VD G . -27.57 13.44 7.80
CB 2VD G . -27.97 12.17 10.43
CG 2VD G . -28.91 11.93 11.44
CD1 2VD G . -30.25 11.70 11.10
CE1 2VD G . -31.20 11.47 12.09
CZ 2VD G . -30.84 11.48 13.43
CE2 2VD G . -29.52 11.73 13.79
CD2 2VD G . -28.54 11.95 12.79
CA CA H . -13.15 18.41 25.33
C1 PEG I . -2.21 -39.08 -9.65
O1 PEG I . -1.68 -40.20 -10.37
C2 PEG I . -2.18 -37.81 -10.49
O2 PEG I . -3.52 -37.47 -10.88
C3 PEG I . -4.21 -36.71 -9.90
C4 PEG I . -5.73 -36.75 -10.08
O4 PEG I . -6.35 -36.31 -8.85
C1 PEG J . -2.81 -12.06 16.43
O1 PEG J . -2.02 -12.25 15.25
C2 PEG J . -4.03 -11.23 16.09
O2 PEG J . -5.13 -11.53 16.96
C3 PEG J . -6.42 -11.13 16.47
C4 PEG J . -6.45 -9.70 15.94
O4 PEG J . -7.75 -9.12 16.17
CL CL K . 24.11 6.09 -10.36
CAM 2VD L . 7.09 -13.43 -28.74
CAL 2VD L . 5.66 -13.54 -29.19
CAK 2VD L . 5.61 -13.67 -30.70
CBD 2VD L . 4.17 -13.99 -31.15
OBF 2VD L . 3.52 -13.10 -31.73
OBE 2VD L . 3.74 -15.14 -30.88
CAJ 2VD L . 6.03 -12.37 -31.28
CAH 2VD L . 7.15 -11.86 -30.59
CAI 2VD L . 7.64 -12.32 -29.42
CAE 2VD L . 8.69 -11.55 -29.09
CAF 2VD L . 9.54 -11.58 -28.04
CAA 2VD L . 10.58 -10.64 -27.93
BR 2VD L . 11.81 -10.59 -26.48
CAB 2VD L . 10.71 -9.69 -28.92
CAC 2VD L . 9.81 -9.70 -29.99
CAD 2VD L . 8.84 -10.61 -30.04
NAG 2VD L . 7.88 -10.80 -30.94
CAO 2VD L . 7.65 -10.01 -32.19
CAP 2VD L . 8.45 -10.67 -33.33
OAQ 2VD L . 8.33 -11.87 -33.58
N 2VD L . 9.27 -9.85 -33.99
CA 2VD L . 10.10 -10.32 -35.12
C 2VD L . 9.26 -10.23 -36.40
OXT 2VD L . 9.64 -10.90 -37.39
O 2VD L . 8.24 -9.51 -36.37
CB 2VD L . 11.36 -9.47 -35.22
CG 2VD L . 12.29 -10.03 -34.30
CD1 2VD L . 13.31 -10.90 -34.75
CE1 2VD L . 14.22 -11.43 -33.85
CZ 2VD L . 14.13 -11.12 -32.50
CE2 2VD L . 13.13 -10.27 -32.05
CD2 2VD L . 12.22 -9.73 -32.94
CL CL M . 18.17 10.46 -25.63
#